data_7PRV
#
_entry.id   7PRV
#
_cell.length_a   79.674
_cell.length_b   119.725
_cell.length_c   135.527
_cell.angle_alpha   90
_cell.angle_beta   90
_cell.angle_gamma   90
#
_symmetry.space_group_name_H-M   'P 21 21 21'
#
loop_
_entity.id
_entity.type
_entity.pdbx_description
1 polymer 'Glucocorticoid receptor'
2 polymer "DNA (5'-D(*TP*CP*GP*AP*CP*GP*GP*AP*CP*AP*AP*AP*AP*TP*GP*TP*TP*CP*TP*GP*TP*A)-3')"
3 polymer "DNA (5'-D(*TP*AP*CP*AP*GP*AP*AP*CP*AP*TP*TP*TP*TP*GP*TP*CP*CP*GP*TP*CP*GP*A)-3')"
4 polymer 'Peroxisome proliferator-activated receptor gamma coactivator 1-alpha'
5 non-polymer 'ZINC ION'
6 non-polymer 1,2-ETHANEDIOL
7 non-polymer '(6alpha,11alpha,14beta,16alpha,17alpha)-6,9-difluoro-17-{[(fluoromethyl)sulfanyl]carbonyl}-11-hydroxy-16-methyl-3-oxoan drosta-1,4-dien-17-yl furan-2-carboxylate'
8 water water
#
loop_
_entity_poly.entity_id
_entity_poly.type
_entity_poly.pdbx_seq_one_letter_code
_entity_poly.pdbx_strand_id
1 'polypeptide(L)'
;GRTVFSNGYSSPSMRPDVSAPPSSSSTATTGPPPKLCLVCSDEASGCHYGVLTCGSCKVFFKRAVEGQHNYLCAGRNDCI
IDKIRRKNCPACRYRKCLQAGMNLEARKTKKKIKGIQQATTGVSQETSENPGDKTIVPATLPQLTPTLVSLLEVIEPEVL
YAGYDSSVPDSTWRIMTTLNMLGGRQMIAAVKWAKAIPGFRNLHLDDQMTLLQYSWMSLMAFALGWRSYRQSSANLLCFA
PDLIINEQRMTLPDMYDQCKHMLYVSSELHRLQVSYEEYLCMKTLLLLSSVPKDGLKSQELFDEIRMTYIKELGKAIVKR
EGNSSQNWQRFYQLTKLLDSMHEVVENLLNYCFQTFLDKTMSIEFPEMLAEIITNQIPKYSNGNIKKLLFHQK
;
A,B
2 'polydeoxyribonucleotide'
;(DT)(DC)(DG)(DA)(DC)(DG)(DG)(DA)(DC)(DA)(DA)(DA)(DA)(DT)(DG)(DT)(DT)(DC)(DT)(DG)
(DT)(DA)(DC)
;
C
3 'polydeoxyribonucleotide'
;(DT)(DA)(DC)(DA)(DG)(DA)(DA)(DC)(DA)(DT)(DT)(DT)(DT)(DG)(DT)(DC)(DC)(DG)(DT)(DC)
(DG)(DA)(DC)
;
D
4 'polypeptide(L)' PPQEAEEPSLLKKLLLAPANT F
#
loop_
_chem_comp.id
_chem_comp.type
_chem_comp.name
_chem_comp.formula
DA DNA linking 2'-DEOXYADENOSINE-5'-MONOPHOSPHATE 'C10 H14 N5 O6 P'
DC DNA linking 2'-DEOXYCYTIDINE-5'-MONOPHOSPHATE 'C9 H14 N3 O7 P'
DG DNA linking 2'-DEOXYGUANOSINE-5'-MONOPHOSPHATE 'C10 H14 N5 O7 P'
DT DNA linking THYMIDINE-5'-MONOPHOSPHATE 'C10 H15 N2 O8 P'
EDO non-polymer 1,2-ETHANEDIOL 'C2 H6 O2'
GW6 non-polymer '(6alpha,11alpha,14beta,16alpha,17alpha)-6,9-difluoro-17-{[(fluoromethyl)sulfanyl]carbonyl}-11-hydroxy-16-methyl-3-oxoan drosta-1,4-dien-17-yl furan-2-carboxylate' 'C27 H29 F3 O6 S'
ZN non-polymer 'ZINC ION' 'Zn 2'
#
# COMPACT_ATOMS: atom_id res chain seq x y z
N PRO A 33 -37.99 -8.45 -29.92
CA PRO A 33 -36.57 -8.06 -29.84
C PRO A 33 -36.04 -8.13 -28.39
N PRO A 34 -34.87 -8.71 -28.15
CA PRO A 34 -34.42 -8.92 -26.75
C PRO A 34 -33.59 -7.82 -26.06
N LYS A 35 -34.21 -7.16 -25.05
CA LYS A 35 -33.57 -6.18 -24.13
C LYS A 35 -32.45 -6.92 -23.43
N LEU A 36 -31.25 -6.35 -23.42
CA LEU A 36 -30.07 -7.01 -22.83
C LEU A 36 -29.61 -6.44 -21.51
N CYS A 37 -29.03 -7.29 -20.67
CA CYS A 37 -28.46 -6.93 -19.38
C CYS A 37 -27.28 -6.03 -19.64
N LEU A 38 -27.24 -4.84 -19.03
CA LEU A 38 -26.11 -3.93 -19.24
C LEU A 38 -24.79 -4.41 -18.58
N VAL A 39 -24.83 -5.55 -17.84
CA VAL A 39 -23.68 -6.14 -17.14
C VAL A 39 -23.11 -7.33 -17.89
N CYS A 40 -23.93 -8.34 -18.23
CA CYS A 40 -23.47 -9.53 -18.92
C CYS A 40 -24.02 -9.70 -20.33
N SER A 41 -24.94 -8.86 -20.76
CA SER A 41 -25.55 -8.95 -22.07
C SER A 41 -26.32 -10.23 -22.25
N ASP A 42 -27.11 -10.59 -21.24
CA ASP A 42 -28.05 -11.73 -21.24
C ASP A 42 -29.46 -11.11 -21.16
N GLU A 43 -30.49 -11.76 -21.73
CA GLU A 43 -31.88 -11.24 -21.70
C GLU A 43 -32.27 -10.65 -20.33
N ALA A 44 -32.46 -9.33 -20.27
CA ALA A 44 -32.74 -8.64 -19.01
C ALA A 44 -34.15 -8.90 -18.49
N SER A 45 -34.31 -8.92 -17.17
CA SER A 45 -35.63 -9.10 -16.56
C SER A 45 -36.32 -7.76 -16.26
N GLY A 46 -35.51 -6.72 -16.02
CA GLY A 46 -36.04 -5.39 -15.75
C GLY A 46 -35.04 -4.37 -15.29
N CYS A 47 -35.54 -3.26 -14.76
CA CYS A 47 -34.70 -2.16 -14.29
C CYS A 47 -34.32 -2.37 -12.83
N HIS A 48 -33.36 -3.28 -12.60
CA HIS A 48 -32.89 -3.64 -11.28
C HIS A 48 -31.73 -2.82 -10.79
N TYR A 49 -31.93 -2.13 -9.66
CA TYR A 49 -30.95 -1.28 -9.00
C TYR A 49 -30.53 -0.11 -9.90
N GLY A 50 -31.51 0.46 -10.61
CA GLY A 50 -31.30 1.58 -11.51
C GLY A 50 -30.93 1.19 -12.94
N VAL A 51 -30.26 0.07 -13.11
CA VAL A 51 -29.80 -0.37 -14.42
C VAL A 51 -30.68 -1.48 -14.99
N LEU A 52 -30.86 -1.51 -16.32
CA LEU A 52 -31.62 -2.57 -16.96
C LEU A 52 -30.75 -3.85 -16.97
N THR A 53 -30.82 -4.66 -15.90
CA THR A 53 -30.03 -5.89 -15.75
C THR A 53 -30.88 -7.17 -15.73
N CYS A 54 -30.26 -8.32 -15.93
CA CYS A 54 -30.95 -9.59 -15.87
C CYS A 54 -31.05 -10.06 -14.41
N GLY A 55 -31.97 -11.00 -14.15
CA GLY A 55 -32.20 -11.58 -12.84
C GLY A 55 -30.95 -12.05 -12.10
N SER A 56 -29.98 -12.65 -12.83
CA SER A 56 -28.76 -13.18 -12.21
C SER A 56 -27.79 -12.07 -11.77
N CYS A 57 -27.51 -11.09 -12.62
CA CYS A 57 -26.63 -9.98 -12.26
C CYS A 57 -27.25 -9.16 -11.14
N LYS A 58 -28.59 -9.09 -11.10
CA LYS A 58 -29.31 -8.39 -10.05
C LYS A 58 -29.01 -9.06 -8.70
N VAL A 59 -29.16 -10.40 -8.59
CA VAL A 59 -28.92 -11.07 -7.31
C VAL A 59 -27.45 -11.13 -6.98
N PHE A 60 -26.56 -11.20 -7.99
CA PHE A 60 -25.12 -11.19 -7.77
C PHE A 60 -24.73 -9.89 -7.08
N PHE A 61 -25.26 -8.76 -7.55
CA PHE A 61 -24.93 -7.48 -7.01
C PHE A 61 -25.36 -7.34 -5.57
N LYS A 62 -26.61 -7.70 -5.27
CA LYS A 62 -27.16 -7.64 -3.91
C LYS A 62 -26.36 -8.54 -2.98
N ARG A 63 -25.92 -9.70 -3.45
CA ARG A 63 -25.11 -10.59 -2.65
C ARG A 63 -23.74 -9.98 -2.41
N ALA A 64 -23.04 -9.53 -3.46
CA ALA A 64 -21.72 -8.93 -3.32
C ALA A 64 -21.69 -7.66 -2.46
N VAL A 65 -22.78 -6.90 -2.44
CA VAL A 65 -22.81 -5.68 -1.64
C VAL A 65 -22.98 -6.03 -0.16
N GLU A 66 -24.07 -6.73 0.20
CA GLU A 66 -24.33 -7.06 1.61
C GLU A 66 -23.44 -8.21 2.15
N GLY A 67 -22.86 -8.99 1.28
CA GLY A 67 -21.89 -10.01 1.68
C GLY A 67 -20.52 -9.41 1.92
N GLN A 68 -20.39 -8.03 1.78
CA GLN A 68 -19.20 -7.18 1.93
C GLN A 68 -17.98 -7.87 1.34
N HIS A 69 -18.13 -8.34 0.11
CA HIS A 69 -17.13 -9.16 -0.52
C HIS A 69 -15.88 -8.47 -0.97
N ASN A 70 -14.78 -9.18 -0.78
CA ASN A 70 -13.45 -8.80 -1.18
C ASN A 70 -13.10 -9.72 -2.34
N TYR A 71 -13.33 -9.25 -3.56
CA TYR A 71 -13.07 -10.05 -4.73
C TYR A 71 -11.75 -9.63 -5.31
N LEU A 72 -10.86 -10.60 -5.56
CA LEU A 72 -9.58 -10.31 -6.20
C LEU A 72 -9.61 -10.83 -7.65
N CYS A 73 -9.12 -10.03 -8.61
CA CYS A 73 -9.14 -10.38 -10.03
C CYS A 73 -8.00 -11.31 -10.41
N ALA A 74 -8.29 -12.40 -11.18
CA ALA A 74 -7.18 -13.27 -11.63
C ALA A 74 -6.48 -12.69 -12.88
N GLY A 75 -7.10 -11.75 -13.57
CA GLY A 75 -6.55 -11.11 -14.76
C GLY A 75 -5.95 -9.75 -14.46
N ARG A 76 -6.40 -8.69 -15.14
CA ARG A 76 -5.84 -7.35 -14.97
C ARG A 76 -6.94 -6.32 -14.84
N ASN A 77 -7.99 -6.65 -14.05
CA ASN A 77 -9.10 -5.77 -13.76
C ASN A 77 -9.88 -5.33 -14.99
N ASP A 78 -9.98 -6.19 -16.00
CA ASP A 78 -10.75 -5.88 -17.19
C ASP A 78 -11.16 -7.12 -17.93
N CYS A 79 -11.71 -8.08 -17.19
CA CYS A 79 -12.18 -9.31 -17.79
C CYS A 79 -13.53 -9.04 -18.48
N ILE A 80 -13.81 -9.76 -19.57
CA ILE A 80 -15.05 -9.62 -20.33
C ILE A 80 -16.20 -10.22 -19.56
N ILE A 81 -17.21 -9.41 -19.23
CA ILE A 81 -18.39 -9.93 -18.55
C ILE A 81 -19.51 -10.14 -19.55
N ASP A 82 -19.64 -11.39 -20.03
CA ASP A 82 -20.70 -11.80 -20.93
C ASP A 82 -21.41 -13.07 -20.39
N LYS A 83 -22.59 -13.46 -20.93
CA LYS A 83 -23.37 -14.58 -20.39
C LYS A 83 -22.56 -15.82 -20.00
N ILE A 84 -21.53 -16.19 -20.77
CA ILE A 84 -20.71 -17.37 -20.42
C ILE A 84 -19.64 -17.08 -19.37
N ARG A 85 -19.03 -15.89 -19.47
CA ARG A 85 -17.91 -15.56 -18.61
C ARG A 85 -18.29 -14.68 -17.42
N ARG A 86 -19.59 -14.62 -17.06
CA ARG A 86 -20.01 -13.85 -15.89
C ARG A 86 -19.66 -14.59 -14.59
N LYS A 87 -19.64 -15.94 -14.63
CA LYS A 87 -19.26 -16.77 -13.48
C LYS A 87 -17.75 -16.65 -13.17
N ASN A 88 -16.93 -16.44 -14.23
CA ASN A 88 -15.47 -16.32 -14.16
C ASN A 88 -15.01 -15.24 -13.16
N CYS A 89 -14.99 -13.94 -13.54
CA CYS A 89 -14.50 -12.93 -12.61
C CYS A 89 -15.59 -12.17 -11.86
N PRO A 90 -15.80 -12.51 -10.58
CA PRO A 90 -16.77 -11.76 -9.77
C PRO A 90 -16.23 -10.38 -9.42
N ALA A 91 -14.88 -10.19 -9.37
CA ALA A 91 -14.31 -8.89 -9.10
C ALA A 91 -14.65 -7.95 -10.25
N CYS A 92 -14.55 -8.45 -11.50
CA CYS A 92 -14.84 -7.65 -12.68
C CYS A 92 -16.31 -7.49 -12.89
N ARG A 93 -17.11 -8.53 -12.62
CA ARG A 93 -18.58 -8.45 -12.76
C ARG A 93 -19.12 -7.41 -11.81
N TYR A 94 -18.60 -7.34 -10.58
CA TYR A 94 -19.02 -6.32 -9.64
C TYR A 94 -18.56 -4.91 -10.10
N ARG A 95 -17.50 -4.82 -10.92
CA ARG A 95 -17.06 -3.55 -11.48
C ARG A 95 -17.96 -3.17 -12.63
N LYS A 96 -18.27 -4.11 -13.55
CA LYS A 96 -19.21 -3.83 -14.64
C LYS A 96 -20.62 -3.55 -14.12
N CYS A 97 -20.94 -3.97 -12.87
CA CYS A 97 -22.20 -3.64 -12.20
C CYS A 97 -22.17 -2.16 -11.86
N LEU A 98 -21.08 -1.71 -11.25
CA LEU A 98 -20.93 -0.33 -10.84
C LEU A 98 -20.65 0.62 -11.99
N GLN A 99 -20.03 0.15 -13.07
CA GLN A 99 -19.80 1.03 -14.23
C GLN A 99 -21.09 1.19 -15.06
N ALA A 100 -22.06 0.25 -14.94
CA ALA A 100 -23.38 0.40 -15.55
C ALA A 100 -24.22 1.39 -14.68
N GLY A 101 -23.96 1.44 -13.38
CA GLY A 101 -24.61 2.38 -12.48
C GLY A 101 -25.51 1.75 -11.45
N MET A 102 -25.19 0.53 -11.00
CA MET A 102 -26.04 -0.14 -10.02
C MET A 102 -25.84 0.44 -8.62
N ASN A 103 -26.90 0.47 -7.81
CA ASN A 103 -26.88 1.07 -6.48
C ASN A 103 -28.08 0.60 -5.64
N LEU A 104 -27.98 0.68 -4.30
CA LEU A 104 -29.09 0.31 -3.43
C LEU A 104 -29.56 1.57 -2.67
N LEU A 144 -11.05 -1.53 -34.17
CA LEU A 144 -9.89 -1.67 -35.07
C LEU A 144 -8.93 -0.50 -34.94
N THR A 145 -9.40 0.75 -35.22
CA THR A 145 -8.63 2.00 -35.07
C THR A 145 -7.92 2.01 -33.69
N PRO A 146 -6.58 1.90 -33.70
CA PRO A 146 -5.86 1.71 -32.45
C PRO A 146 -5.76 2.98 -31.65
N THR A 147 -6.10 2.86 -30.38
CA THR A 147 -6.02 3.95 -29.42
C THR A 147 -4.64 3.97 -28.80
N LEU A 148 -4.24 5.12 -28.27
CA LEU A 148 -2.95 5.26 -27.60
C LEU A 148 -2.68 4.21 -26.52
N VAL A 149 -3.71 3.86 -25.74
CA VAL A 149 -3.56 2.87 -24.67
C VAL A 149 -3.47 1.45 -25.23
N SER A 150 -4.16 1.16 -26.34
CA SER A 150 -4.05 -0.14 -26.99
C SER A 150 -2.61 -0.39 -27.48
N LEU A 151 -1.88 0.70 -27.82
CA LEU A 151 -0.49 0.66 -28.24
C LEU A 151 0.38 0.40 -26.99
N LEU A 152 0.10 1.09 -25.89
CA LEU A 152 0.83 0.90 -24.64
C LEU A 152 0.76 -0.56 -24.15
N GLU A 153 -0.38 -1.24 -24.45
CA GLU A 153 -0.58 -2.64 -24.08
C GLU A 153 0.36 -3.51 -24.89
N VAL A 154 0.39 -3.26 -26.19
CA VAL A 154 1.15 -3.95 -27.22
C VAL A 154 2.68 -3.82 -27.05
N ILE A 155 3.13 -2.65 -26.56
CA ILE A 155 4.56 -2.39 -26.32
C ILE A 155 4.99 -2.79 -24.91
N GLU A 156 4.06 -3.22 -24.05
CA GLU A 156 4.33 -3.61 -22.69
C GLU A 156 5.29 -4.80 -22.67
N PRO A 157 6.43 -4.67 -21.98
CA PRO A 157 7.42 -5.74 -21.98
C PRO A 157 6.99 -7.04 -21.31
N GLU A 158 7.49 -8.14 -21.88
CA GLU A 158 7.32 -9.52 -21.43
C GLU A 158 8.02 -9.68 -20.09
N VAL A 159 7.45 -10.49 -19.19
CA VAL A 159 8.04 -10.62 -17.84
C VAL A 159 9.23 -11.56 -17.84
N LEU A 160 10.35 -11.03 -17.28
CA LEU A 160 11.68 -11.61 -17.15
C LEU A 160 11.85 -12.44 -15.91
N TYR A 161 12.78 -13.38 -15.97
CA TYR A 161 13.09 -14.27 -14.88
C TYR A 161 14.42 -13.87 -14.26
N ALA A 162 14.53 -13.98 -12.95
CA ALA A 162 15.76 -13.65 -12.25
C ALA A 162 16.83 -14.71 -12.44
N GLY A 163 16.44 -15.93 -12.87
CA GLY A 163 17.33 -17.06 -13.00
C GLY A 163 17.83 -17.51 -11.64
N TYR A 164 16.95 -17.41 -10.65
CA TYR A 164 17.29 -17.69 -9.27
C TYR A 164 17.29 -19.17 -8.97
N ASP A 165 18.35 -19.64 -8.31
CA ASP A 165 18.43 -21.04 -7.92
C ASP A 165 17.70 -21.16 -6.60
N SER A 166 16.36 -21.33 -6.66
CA SER A 166 15.51 -21.40 -5.47
C SER A 166 15.72 -22.65 -4.59
N SER A 167 16.32 -23.71 -5.17
CA SER A 167 16.61 -24.94 -4.43
C SER A 167 18.03 -24.87 -3.78
N VAL A 168 18.44 -23.65 -3.36
CA VAL A 168 19.74 -23.40 -2.74
C VAL A 168 19.58 -22.38 -1.58
N PRO A 169 20.48 -22.40 -0.55
CA PRO A 169 20.34 -21.45 0.57
C PRO A 169 20.41 -20.01 0.13
N ASP A 170 19.59 -19.16 0.75
CA ASP A 170 19.52 -17.75 0.37
C ASP A 170 20.42 -16.86 1.21
N SER A 171 20.79 -15.71 0.63
CA SER A 171 21.63 -14.71 1.30
C SER A 171 21.09 -13.31 1.00
N THR A 172 21.41 -12.34 1.86
CA THR A 172 20.98 -10.96 1.64
C THR A 172 21.75 -10.41 0.43
N TRP A 173 23.07 -10.67 0.37
CA TRP A 173 23.92 -10.24 -0.75
C TRP A 173 23.45 -10.88 -2.05
N ARG A 174 23.20 -12.20 -2.04
CA ARG A 174 22.82 -12.99 -3.21
C ARG A 174 21.54 -12.48 -3.83
N ILE A 175 20.53 -12.20 -3.00
CA ILE A 175 19.24 -11.68 -3.45
C ILE A 175 19.41 -10.30 -4.04
N MET A 176 20.07 -9.38 -3.33
CA MET A 176 20.30 -8.03 -3.87
C MET A 176 21.13 -8.02 -5.13
N THR A 177 22.19 -8.86 -5.24
CA THR A 177 23.00 -8.92 -6.46
C THR A 177 22.15 -9.42 -7.63
N THR A 178 21.40 -10.52 -7.42
CA THR A 178 20.51 -11.11 -8.41
C THR A 178 19.51 -10.10 -8.89
N LEU A 179 18.91 -9.35 -7.95
CA LEU A 179 17.92 -8.33 -8.23
C LEU A 179 18.51 -7.18 -8.98
N ASN A 180 19.74 -6.77 -8.67
CA ASN A 180 20.42 -5.72 -9.41
C ASN A 180 20.67 -6.16 -10.84
N MET A 181 21.08 -7.41 -11.04
CA MET A 181 21.29 -7.96 -12.37
C MET A 181 19.98 -8.03 -13.16
N LEU A 182 18.88 -8.40 -12.50
CA LEU A 182 17.57 -8.46 -13.12
C LEU A 182 17.12 -7.06 -13.54
N GLY A 183 17.33 -6.09 -12.66
CA GLY A 183 17.01 -4.69 -12.92
C GLY A 183 17.77 -4.14 -14.11
N GLY A 184 18.95 -4.69 -14.37
CA GLY A 184 19.78 -4.33 -15.51
C GLY A 184 19.13 -4.81 -16.78
N ARG A 185 18.64 -6.06 -16.81
CA ARG A 185 17.94 -6.61 -17.97
C ARG A 185 16.65 -5.81 -18.21
N GLN A 186 15.95 -5.46 -17.11
CA GLN A 186 14.74 -4.67 -17.14
C GLN A 186 14.99 -3.31 -17.76
N MET A 187 16.15 -2.70 -17.52
CA MET A 187 16.52 -1.42 -18.12
C MET A 187 16.71 -1.56 -19.64
N ILE A 188 17.36 -2.64 -20.07
CA ILE A 188 17.55 -2.94 -21.48
C ILE A 188 16.18 -3.08 -22.19
N ALA A 189 15.15 -3.54 -21.46
CA ALA A 189 13.78 -3.71 -21.94
C ALA A 189 13.02 -2.42 -21.88
N ALA A 190 13.17 -1.66 -20.77
CA ALA A 190 12.51 -0.38 -20.58
C ALA A 190 13.02 0.67 -21.55
N VAL A 191 14.24 0.53 -22.10
CA VAL A 191 14.74 1.46 -23.10
C VAL A 191 14.01 1.16 -24.42
N LYS A 192 13.88 -0.13 -24.77
CA LYS A 192 13.14 -0.58 -25.94
C LYS A 192 11.67 -0.14 -25.85
N TRP A 193 11.05 -0.35 -24.67
CA TRP A 193 9.67 0.07 -24.38
C TRP A 193 9.54 1.58 -24.55
N ALA A 194 10.54 2.34 -24.04
CA ALA A 194 10.52 3.80 -24.09
C ALA A 194 10.48 4.30 -25.50
N LYS A 195 11.35 3.75 -26.39
CA LYS A 195 11.42 4.14 -27.80
C LYS A 195 10.08 3.92 -28.53
N ALA A 196 9.33 2.87 -28.11
CA ALA A 196 8.03 2.51 -28.67
C ALA A 196 6.86 3.42 -28.25
N ILE A 197 7.10 4.34 -27.33
CA ILE A 197 6.08 5.26 -26.85
C ILE A 197 5.95 6.37 -27.86
N PRO A 198 4.80 6.46 -28.55
CA PRO A 198 4.65 7.49 -29.59
C PRO A 198 5.00 8.90 -29.11
N GLY A 199 6.06 9.45 -29.66
CA GLY A 199 6.50 10.78 -29.27
C GLY A 199 7.85 10.80 -28.61
N PHE A 200 8.18 9.73 -27.86
CA PHE A 200 9.47 9.66 -27.16
C PHE A 200 10.67 9.81 -28.11
N ARG A 201 10.76 8.97 -29.15
CA ARG A 201 11.84 9.08 -30.13
C ARG A 201 11.87 10.46 -30.85
N ASN A 202 10.81 11.27 -30.67
CA ASN A 202 10.68 12.61 -31.23
C ASN A 202 11.39 13.68 -30.38
N LEU A 203 11.71 13.38 -29.11
CA LEU A 203 12.43 14.34 -28.26
C LEU A 203 13.96 14.32 -28.59
N HIS A 204 14.73 15.28 -28.05
CA HIS A 204 16.18 15.30 -28.27
C HIS A 204 16.85 14.14 -27.49
N LEU A 205 18.02 13.64 -27.95
CA LEU A 205 18.70 12.52 -27.30
C LEU A 205 19.13 12.81 -25.86
N ASP A 206 19.57 14.04 -25.57
CA ASP A 206 19.94 14.42 -24.20
C ASP A 206 18.72 14.42 -23.26
N ASP A 207 17.49 14.62 -23.82
CA ASP A 207 16.22 14.59 -23.11
C ASP A 207 15.77 13.15 -22.96
N GLN A 208 15.93 12.33 -24.01
CA GLN A 208 15.56 10.92 -23.99
C GLN A 208 16.37 10.18 -22.92
N MET A 209 17.67 10.49 -22.84
CA MET A 209 18.53 9.87 -21.83
C MET A 209 18.15 10.34 -20.43
N THR A 210 17.90 11.66 -20.27
CA THR A 210 17.53 12.27 -18.99
C THR A 210 16.24 11.68 -18.46
N LEU A 211 15.25 11.47 -19.34
CA LEU A 211 13.97 10.89 -18.91
C LEU A 211 14.15 9.49 -18.40
N LEU A 212 14.99 8.70 -19.08
CA LEU A 212 15.25 7.33 -18.64
C LEU A 212 16.11 7.28 -17.39
N GLN A 213 17.05 8.23 -17.25
CA GLN A 213 17.95 8.31 -16.10
C GLN A 213 17.15 8.72 -14.87
N TYR A 214 16.24 9.69 -15.00
CA TYR A 214 15.46 10.18 -13.86
C TYR A 214 14.41 9.16 -13.43
N SER A 215 13.63 8.68 -14.39
CA SER A 215 12.56 7.75 -14.11
C SER A 215 12.88 6.33 -14.58
N TRP A 216 13.65 5.62 -13.77
CA TRP A 216 13.98 4.23 -14.07
C TRP A 216 13.56 3.40 -12.91
N MET A 217 13.87 3.85 -11.68
CA MET A 217 13.45 3.25 -10.44
C MET A 217 11.92 3.40 -10.36
N SER A 218 11.39 4.59 -10.74
CA SER A 218 9.94 4.88 -10.80
C SER A 218 9.27 3.86 -11.71
N LEU A 219 9.87 3.64 -12.90
CA LEU A 219 9.34 2.67 -13.83
C LEU A 219 9.35 1.26 -13.24
N MET A 220 10.51 0.82 -12.76
CA MET A 220 10.70 -0.53 -12.30
C MET A 220 9.98 -0.89 -11.05
N ALA A 221 9.83 0.06 -10.14
CA ALA A 221 9.11 -0.15 -8.91
C ALA A 221 7.60 -0.12 -9.17
N PHE A 222 7.13 0.72 -10.11
CA PHE A 222 5.71 0.76 -10.43
C PHE A 222 5.30 -0.55 -11.09
N ALA A 223 6.16 -1.08 -11.99
CA ALA A 223 5.93 -2.35 -12.65
C ALA A 223 6.03 -3.50 -11.63
N LEU A 224 6.93 -3.38 -10.64
CA LEU A 224 7.04 -4.38 -9.58
C LEU A 224 5.77 -4.42 -8.76
N GLY A 225 5.17 -3.26 -8.50
CA GLY A 225 3.92 -3.17 -7.77
C GLY A 225 2.81 -3.87 -8.53
N TRP A 226 2.78 -3.67 -9.87
CA TRP A 226 1.76 -4.33 -10.68
C TRP A 226 1.98 -5.83 -10.66
N ARG A 227 3.23 -6.28 -10.83
CA ARG A 227 3.51 -7.71 -10.83
C ARG A 227 3.19 -8.36 -9.47
N SER A 228 3.44 -7.63 -8.38
CA SER A 228 3.19 -8.09 -7.02
C SER A 228 1.69 -8.05 -6.71
N TYR A 229 0.96 -7.09 -7.29
CA TYR A 229 -0.47 -6.92 -7.10
C TYR A 229 -1.14 -8.14 -7.71
N ARG A 230 -0.80 -8.40 -8.97
CA ARG A 230 -1.32 -9.47 -9.77
C ARG A 230 -0.99 -10.79 -9.14
N GLN A 231 0.28 -11.04 -8.72
CA GLN A 231 0.72 -12.32 -8.18
C GLN A 231 -0.02 -12.79 -6.90
N SER A 232 -0.32 -11.89 -5.94
CA SER A 232 -1.11 -12.31 -4.77
C SER A 232 -1.73 -11.18 -3.96
N SER A 233 -2.85 -11.52 -3.25
CA SER A 233 -3.56 -10.64 -2.30
C SER A 233 -2.70 -10.47 -0.98
N ALA A 234 -1.77 -11.41 -0.73
CA ALA A 234 -0.85 -11.35 0.37
C ALA A 234 0.25 -10.34 0.05
N ASN A 235 0.93 -9.84 1.08
CA ASN A 235 2.03 -8.91 0.90
C ASN A 235 3.23 -9.68 0.44
N LEU A 236 3.53 -9.64 -0.85
CA LEU A 236 4.73 -10.25 -1.38
C LEU A 236 5.25 -9.47 -2.56
N LEU A 237 6.57 -9.45 -2.75
CA LEU A 237 7.14 -8.74 -3.87
C LEU A 237 7.48 -9.71 -4.98
N CYS A 238 6.67 -9.74 -6.04
CA CYS A 238 6.92 -10.61 -7.18
C CYS A 238 7.90 -9.95 -8.19
N PHE A 239 9.21 -10.02 -7.89
CA PHE A 239 10.24 -9.45 -8.75
C PHE A 239 10.31 -10.12 -10.10
N ALA A 240 10.06 -11.42 -10.11
CA ALA A 240 10.09 -12.31 -11.26
C ALA A 240 9.31 -13.56 -10.84
N PRO A 241 8.83 -14.38 -11.80
CA PRO A 241 8.12 -15.62 -11.41
C PRO A 241 9.00 -16.53 -10.55
N ASP A 242 10.31 -16.47 -10.75
CA ASP A 242 11.24 -17.30 -10.00
C ASP A 242 12.04 -16.55 -8.90
N LEU A 243 11.49 -15.44 -8.37
CA LEU A 243 12.09 -14.67 -7.28
C LEU A 243 11.03 -13.79 -6.67
N ILE A 244 10.30 -14.35 -5.71
CA ILE A 244 9.25 -13.72 -4.96
C ILE A 244 9.64 -13.76 -3.50
N ILE A 245 9.59 -12.61 -2.82
CA ILE A 245 9.97 -12.56 -1.41
C ILE A 245 8.72 -12.50 -0.56
N ASN A 246 8.44 -13.55 0.22
CA ASN A 246 7.26 -13.66 1.08
C ASN A 246 7.33 -12.72 2.29
N GLU A 247 6.17 -12.40 2.92
CA GLU A 247 6.12 -11.48 4.06
C GLU A 247 7.06 -11.87 5.19
N GLN A 248 7.23 -13.17 5.49
CA GLN A 248 8.15 -13.58 6.55
C GLN A 248 9.58 -13.14 6.27
N ARG A 249 9.98 -13.16 5.00
CA ARG A 249 11.35 -12.83 4.61
C ARG A 249 11.57 -11.32 4.48
N MET A 250 10.57 -10.60 3.95
CA MET A 250 10.68 -9.16 3.82
C MET A 250 10.66 -8.41 5.13
N THR A 251 10.31 -9.06 6.24
CA THR A 251 10.24 -8.35 7.52
C THR A 251 11.40 -8.65 8.46
N LEU A 252 12.41 -9.39 7.99
CA LEU A 252 13.61 -9.61 8.76
C LEU A 252 14.40 -8.31 8.71
N PRO A 253 15.23 -8.01 9.72
CA PRO A 253 15.90 -6.68 9.75
C PRO A 253 16.76 -6.32 8.54
N ASP A 254 17.39 -7.32 7.93
CA ASP A 254 18.22 -7.12 6.75
C ASP A 254 17.51 -6.42 5.59
N MET A 255 16.17 -6.58 5.45
CA MET A 255 15.45 -5.95 4.36
C MET A 255 14.06 -5.38 4.70
N TYR A 256 13.71 -5.21 6.00
CA TYR A 256 12.39 -4.68 6.41
C TYR A 256 12.03 -3.31 5.79
N ASP A 257 12.91 -2.31 5.92
CA ASP A 257 12.62 -0.95 5.46
C ASP A 257 12.55 -0.78 3.94
N GLN A 258 13.43 -1.45 3.20
CA GLN A 258 13.43 -1.34 1.74
C GLN A 258 12.15 -1.91 1.18
N CYS A 259 11.73 -3.09 1.68
CA CYS A 259 10.53 -3.76 1.25
C CYS A 259 9.25 -2.99 1.56
N LYS A 260 9.26 -2.17 2.63
CA LYS A 260 8.10 -1.37 2.98
C LYS A 260 7.75 -0.35 1.88
N HIS A 261 8.76 0.17 1.18
CA HIS A 261 8.51 1.14 0.10
C HIS A 261 8.06 0.46 -1.17
N MET A 262 8.69 -0.67 -1.52
CA MET A 262 8.29 -1.42 -2.72
C MET A 262 6.86 -1.95 -2.54
N LEU A 263 6.49 -2.32 -1.29
CA LEU A 263 5.16 -2.83 -0.96
C LEU A 263 4.08 -1.78 -0.94
N TYR A 264 4.43 -0.50 -0.87
CA TYR A 264 3.44 0.56 -0.87
C TYR A 264 2.76 0.60 -2.23
N VAL A 265 3.52 0.43 -3.32
CA VAL A 265 2.94 0.44 -4.66
C VAL A 265 1.92 -0.66 -4.85
N SER A 266 2.26 -1.93 -4.56
CA SER A 266 1.30 -3.01 -4.77
C SER A 266 0.09 -2.90 -3.89
N SER A 267 0.23 -2.34 -2.69
CA SER A 267 -0.91 -2.17 -1.80
C SER A 267 -1.81 -1.03 -2.25
N GLU A 268 -1.25 0.00 -2.91
CA GLU A 268 -2.03 1.12 -3.42
C GLU A 268 -2.75 0.75 -4.67
N LEU A 269 -2.10 0.02 -5.58
CA LEU A 269 -2.75 -0.52 -6.77
C LEU A 269 -3.87 -1.46 -6.39
N HIS A 270 -3.68 -2.17 -5.27
CA HIS A 270 -4.65 -3.11 -4.74
C HIS A 270 -5.86 -2.38 -4.24
N ARG A 271 -5.64 -1.33 -3.41
CA ARG A 271 -6.66 -0.50 -2.78
C ARG A 271 -7.48 0.22 -3.86
N LEU A 272 -6.81 0.74 -4.87
CA LEU A 272 -7.47 1.43 -5.94
C LEU A 272 -8.06 0.54 -7.02
N GLN A 273 -7.84 -0.80 -7.02
CA GLN A 273 -8.34 -1.70 -8.07
C GLN A 273 -7.95 -1.16 -9.45
N VAL A 274 -6.72 -0.66 -9.59
CA VAL A 274 -6.25 -0.05 -10.83
C VAL A 274 -6.42 -0.97 -12.01
N SER A 275 -7.08 -0.53 -13.09
CA SER A 275 -7.28 -1.42 -14.25
C SER A 275 -6.03 -1.45 -15.13
N TYR A 276 -5.97 -2.39 -16.10
CA TYR A 276 -4.80 -2.48 -16.97
C TYR A 276 -4.64 -1.22 -17.77
N GLU A 277 -5.74 -0.65 -18.28
CA GLU A 277 -5.65 0.61 -19.00
C GLU A 277 -5.07 1.76 -18.14
N GLU A 278 -5.63 2.00 -16.94
CA GLU A 278 -5.12 3.05 -16.05
C GLU A 278 -3.65 2.81 -15.69
N TYR A 279 -3.26 1.55 -15.48
CA TYR A 279 -1.89 1.23 -15.13
C TYR A 279 -0.92 1.63 -16.24
N LEU A 280 -1.19 1.20 -17.48
CA LEU A 280 -0.30 1.45 -18.61
C LEU A 280 -0.06 2.93 -18.83
N CYS A 281 -1.09 3.76 -18.59
CA CYS A 281 -1.03 5.20 -18.74
C CYS A 281 -0.23 5.82 -17.64
N MET A 282 -0.43 5.37 -16.38
CA MET A 282 0.32 5.86 -15.23
C MET A 282 1.80 5.50 -15.41
N LYS A 283 2.10 4.28 -15.91
CA LYS A 283 3.48 3.87 -16.13
C LYS A 283 4.17 4.77 -17.14
N THR A 284 3.44 5.19 -18.19
CA THR A 284 3.97 6.10 -19.22
C THR A 284 4.23 7.45 -18.58
N LEU A 285 3.31 7.92 -17.73
CA LEU A 285 3.42 9.20 -17.03
C LEU A 285 4.55 9.19 -16.01
N LEU A 286 4.95 8.01 -15.52
CA LEU A 286 6.09 7.92 -14.63
C LEU A 286 7.37 8.25 -15.39
N LEU A 287 7.45 7.87 -16.69
CA LEU A 287 8.56 8.21 -17.58
C LEU A 287 8.63 9.74 -17.82
N LEU A 288 7.49 10.42 -17.73
CA LEU A 288 7.40 11.86 -17.95
C LEU A 288 7.15 12.64 -16.66
N SER A 289 7.52 12.07 -15.51
CA SER A 289 7.28 12.64 -14.18
C SER A 289 8.43 13.51 -13.68
N SER A 290 9.64 13.33 -14.22
CA SER A 290 10.79 14.14 -13.78
C SER A 290 11.53 14.78 -14.93
N VAL A 291 11.88 16.04 -14.76
CA VAL A 291 12.60 16.83 -15.76
C VAL A 291 13.79 17.52 -15.12
N PRO A 292 14.76 18.02 -15.91
CA PRO A 292 15.89 18.74 -15.32
C PRO A 292 15.44 20.05 -14.66
N LYS A 293 16.21 20.51 -13.66
CA LYS A 293 15.95 21.75 -12.92
C LYS A 293 15.87 22.93 -13.90
N ASP A 294 16.74 22.95 -14.93
CA ASP A 294 16.68 24.02 -15.92
C ASP A 294 15.93 23.61 -17.21
N GLY A 295 14.99 22.68 -17.09
CA GLY A 295 14.17 22.19 -18.18
C GLY A 295 14.90 21.31 -19.19
N LEU A 296 14.15 20.81 -20.17
CA LEU A 296 14.68 19.97 -21.24
C LEU A 296 15.05 20.81 -22.48
N LYS A 297 15.59 20.17 -23.52
CA LYS A 297 15.95 20.81 -24.78
C LYS A 297 14.70 20.97 -25.67
N SER A 298 13.85 19.91 -25.70
CA SER A 298 12.58 19.89 -26.44
C SER A 298 11.45 19.94 -25.38
N GLN A 299 11.48 20.97 -24.50
CA GLN A 299 10.51 21.12 -23.42
C GLN A 299 9.08 21.28 -23.91
N GLU A 300 8.87 22.11 -24.93
CA GLU A 300 7.53 22.32 -25.49
C GLU A 300 6.89 21.03 -26.05
N LEU A 301 7.70 20.19 -26.70
CA LEU A 301 7.22 18.91 -27.21
C LEU A 301 6.95 18.00 -26.02
N PHE A 302 7.88 17.95 -25.05
CA PHE A 302 7.71 17.14 -23.84
C PHE A 302 6.40 17.44 -23.12
N ASP A 303 6.07 18.72 -22.98
CA ASP A 303 4.85 19.12 -22.29
C ASP A 303 3.62 18.64 -23.04
N GLU A 304 3.66 18.69 -24.39
CA GLU A 304 2.57 18.24 -25.26
C GLU A 304 2.38 16.74 -25.15
N ILE A 305 3.49 15.98 -25.12
CA ILE A 305 3.45 14.53 -24.99
C ILE A 305 2.94 14.17 -23.62
N ARG A 306 3.45 14.84 -22.57
CA ARG A 306 3.01 14.58 -21.20
C ARG A 306 1.51 14.80 -21.06
N MET A 307 1.05 15.91 -21.62
CA MET A 307 -0.36 16.24 -21.57
C MET A 307 -1.23 15.33 -22.45
N THR A 308 -0.64 14.69 -23.47
CA THR A 308 -1.35 13.73 -24.31
C THR A 308 -1.70 12.50 -23.50
N TYR A 309 -0.74 12.04 -22.67
CA TYR A 309 -0.95 10.87 -21.84
C TYR A 309 -1.76 11.16 -20.60
N ILE A 310 -1.85 12.43 -20.15
CA ILE A 310 -2.75 12.77 -19.04
C ILE A 310 -4.19 12.73 -19.56
N LYS A 311 -4.41 13.21 -20.80
CA LYS A 311 -5.70 13.14 -21.47
C LYS A 311 -6.05 11.66 -21.68
N GLU A 312 -5.03 10.81 -22.01
CA GLU A 312 -5.15 9.38 -22.24
C GLU A 312 -5.44 8.60 -20.96
N LEU A 313 -4.90 9.05 -19.80
CA LEU A 313 -5.21 8.44 -18.49
C LEU A 313 -6.66 8.75 -18.13
N GLY A 314 -7.11 9.97 -18.43
CA GLY A 314 -8.49 10.37 -18.22
C GLY A 314 -9.43 9.54 -19.07
N LYS A 315 -8.99 9.15 -20.28
CA LYS A 315 -9.81 8.31 -21.15
C LYS A 315 -9.94 6.91 -20.54
N ALA A 316 -8.87 6.41 -19.88
CA ALA A 316 -8.85 5.13 -19.19
C ALA A 316 -9.79 5.18 -18.00
N ILE A 317 -9.82 6.31 -17.27
CA ILE A 317 -10.72 6.50 -16.13
C ILE A 317 -12.19 6.56 -16.56
N VAL A 318 -12.46 7.14 -17.73
CA VAL A 318 -13.81 7.16 -18.26
C VAL A 318 -14.23 5.74 -18.65
N LYS A 319 -13.31 4.95 -19.23
CA LYS A 319 -13.61 3.58 -19.59
C LYS A 319 -13.88 2.75 -18.33
N ARG A 320 -13.02 2.86 -17.30
CA ARG A 320 -13.18 2.13 -16.04
C ARG A 320 -14.45 2.49 -15.25
N GLU A 321 -14.67 3.78 -14.99
CA GLU A 321 -15.80 4.20 -14.20
C GLU A 321 -17.10 4.16 -14.96
N GLY A 322 -17.07 4.35 -16.28
CA GLY A 322 -18.29 4.38 -17.08
C GLY A 322 -19.27 5.42 -16.59
N ASN A 323 -20.37 4.96 -15.96
CA ASN A 323 -21.42 5.80 -15.38
C ASN A 323 -21.32 5.91 -13.84
N SER A 324 -20.10 5.90 -13.27
CA SER A 324 -19.92 6.01 -11.82
C SER A 324 -20.03 7.43 -11.24
N SER A 325 -19.83 8.50 -12.07
CA SER A 325 -19.88 9.92 -11.67
C SER A 325 -18.63 10.40 -10.91
N GLN A 326 -17.80 9.44 -10.46
CA GLN A 326 -16.58 9.62 -9.71
C GLN A 326 -15.34 9.54 -10.61
N ASN A 327 -15.44 10.06 -11.84
CA ASN A 327 -14.31 10.10 -12.75
C ASN A 327 -13.27 11.07 -12.18
N TRP A 328 -13.74 12.24 -11.68
CA TRP A 328 -12.84 13.23 -11.11
C TRP A 328 -12.16 12.71 -9.84
N GLN A 329 -12.95 12.08 -8.97
CA GLN A 329 -12.46 11.51 -7.73
C GLN A 329 -11.44 10.41 -8.02
N ARG A 330 -11.68 9.60 -9.07
CA ARG A 330 -10.78 8.53 -9.49
C ARG A 330 -9.47 9.13 -9.96
N PHE A 331 -9.55 10.17 -10.79
CA PHE A 331 -8.38 10.86 -11.30
C PHE A 331 -7.57 11.47 -10.18
N TYR A 332 -8.24 12.00 -9.15
CA TYR A 332 -7.61 12.59 -7.97
C TYR A 332 -6.71 11.57 -7.31
N GLN A 333 -7.25 10.37 -7.07
CA GLN A 333 -6.53 9.31 -6.42
C GLN A 333 -5.38 8.75 -7.22
N LEU A 334 -5.57 8.52 -8.53
CA LEU A 334 -4.52 7.97 -9.38
C LEU A 334 -3.41 8.97 -9.52
N THR A 335 -3.74 10.25 -9.72
CA THR A 335 -2.71 11.29 -9.86
C THR A 335 -2.02 11.53 -8.52
N LYS A 336 -2.75 11.38 -7.40
CA LYS A 336 -2.16 11.46 -6.08
C LYS A 336 -1.10 10.33 -5.92
N LEU A 337 -1.38 9.12 -6.47
CA LEU A 337 -0.46 7.97 -6.44
C LEU A 337 0.74 8.26 -7.32
N LEU A 338 0.51 8.77 -8.53
CA LEU A 338 1.58 9.15 -9.46
C LEU A 338 2.56 10.12 -8.79
N ASP A 339 2.02 11.06 -7.99
CA ASP A 339 2.83 11.98 -7.22
C ASP A 339 3.60 11.25 -6.14
N SER A 340 2.93 10.36 -5.38
CA SER A 340 3.61 9.66 -4.29
C SER A 340 4.74 8.78 -4.77
N MET A 341 4.80 8.46 -6.07
CA MET A 341 5.90 7.67 -6.62
C MET A 341 7.25 8.33 -6.46
N HIS A 342 7.30 9.67 -6.41
CA HIS A 342 8.55 10.40 -6.20
C HIS A 342 9.13 10.05 -4.86
N GLU A 343 8.27 10.04 -3.81
CA GLU A 343 8.66 9.69 -2.45
C GLU A 343 9.11 8.23 -2.40
N VAL A 344 8.37 7.31 -3.05
CA VAL A 344 8.76 5.88 -3.09
C VAL A 344 10.15 5.71 -3.70
N VAL A 345 10.38 6.35 -4.85
CA VAL A 345 11.63 6.31 -5.59
C VAL A 345 12.74 6.95 -4.82
N GLU A 346 12.48 8.08 -4.17
CA GLU A 346 13.49 8.76 -3.36
C GLU A 346 14.00 7.85 -2.25
N ASN A 347 13.10 7.07 -1.66
CA ASN A 347 13.50 6.13 -0.63
C ASN A 347 14.31 5.00 -1.23
N LEU A 348 13.78 4.36 -2.29
CA LEU A 348 14.47 3.26 -2.97
C LEU A 348 15.85 3.66 -3.48
N LEU A 349 15.98 4.86 -4.04
CA LEU A 349 17.23 5.38 -4.58
C LEU A 349 18.24 5.56 -3.48
N ASN A 350 17.83 6.02 -2.31
CA ASN A 350 18.73 6.23 -1.20
C ASN A 350 19.38 4.93 -0.74
N TYR A 351 18.65 3.82 -0.75
CA TYR A 351 19.23 2.52 -0.40
C TYR A 351 20.19 2.11 -1.51
N CYS A 352 19.75 2.26 -2.78
CA CYS A 352 20.51 1.91 -3.96
C CYS A 352 21.86 2.61 -4.05
N PHE A 353 21.87 3.95 -3.97
CA PHE A 353 23.10 4.74 -4.04
C PHE A 353 24.00 4.39 -2.88
N GLN A 354 23.46 4.39 -1.64
CA GLN A 354 24.18 4.06 -0.39
C GLN A 354 24.92 2.72 -0.52
N THR A 355 24.24 1.70 -1.09
CA THR A 355 24.78 0.36 -1.31
C THR A 355 25.84 0.37 -2.38
N PHE A 356 25.58 1.05 -3.49
CA PHE A 356 26.51 1.18 -4.61
C PHE A 356 27.88 1.75 -4.15
N LEU A 357 27.85 2.86 -3.40
CA LEU A 357 29.01 3.58 -2.89
C LEU A 357 29.72 2.85 -1.74
N ASP A 358 28.96 2.03 -0.98
CA ASP A 358 29.53 1.28 0.13
C ASP A 358 30.37 0.16 -0.44
N LYS A 359 31.68 0.37 -0.44
CA LYS A 359 32.62 -0.60 -0.96
C LYS A 359 32.65 -1.88 -0.10
N THR A 360 32.54 -1.76 1.24
CA THR A 360 32.58 -2.91 2.14
C THR A 360 31.43 -3.89 1.93
N MET A 361 30.29 -3.43 1.37
CA MET A 361 29.17 -4.33 1.09
C MET A 361 29.52 -5.28 -0.05
N SER A 362 30.22 -4.76 -1.07
CA SER A 362 30.73 -5.47 -2.24
C SER A 362 29.67 -6.17 -3.07
N ILE A 363 28.41 -5.69 -3.01
CA ILE A 363 27.30 -6.22 -3.81
C ILE A 363 27.55 -5.84 -5.28
N GLU A 364 27.16 -6.71 -6.23
CA GLU A 364 27.40 -6.43 -7.64
C GLU A 364 26.23 -5.69 -8.31
N PHE A 365 26.56 -4.77 -9.23
CA PHE A 365 25.61 -3.97 -10.00
C PHE A 365 25.95 -4.13 -11.49
N PRO A 366 24.96 -4.27 -12.39
CA PRO A 366 25.29 -4.46 -13.82
C PRO A 366 25.88 -3.21 -14.48
N GLU A 367 26.70 -3.39 -15.55
CA GLU A 367 27.33 -2.27 -16.26
C GLU A 367 26.27 -1.26 -16.74
N MET A 368 25.10 -1.75 -17.15
CA MET A 368 24.01 -0.90 -17.59
C MET A 368 23.57 0.07 -16.47
N LEU A 369 23.19 -0.47 -15.30
CA LEU A 369 22.74 0.32 -14.17
C LEU A 369 23.81 1.12 -13.50
N ALA A 370 25.00 0.53 -13.29
CA ALA A 370 26.09 1.25 -12.63
C ALA A 370 26.49 2.53 -13.36
N GLU A 371 26.29 2.57 -14.69
CA GLU A 371 26.56 3.77 -15.48
C GLU A 371 25.49 4.82 -15.16
N ILE A 372 24.22 4.41 -15.06
CA ILE A 372 23.14 5.32 -14.72
C ILE A 372 23.34 5.86 -13.29
N ILE A 373 23.41 4.97 -12.27
CA ILE A 373 23.64 5.34 -10.86
C ILE A 373 24.79 6.34 -10.68
N THR A 374 25.98 6.03 -11.24
CA THR A 374 27.16 6.89 -11.13
C THR A 374 26.90 8.27 -11.80
N ASN A 375 26.13 8.28 -12.90
CA ASN A 375 25.79 9.52 -13.61
C ASN A 375 24.46 10.08 -13.11
N GLN A 376 24.11 9.85 -11.84
CA GLN A 376 22.84 10.30 -11.27
C GLN A 376 23.02 10.77 -9.83
N ILE A 377 23.87 10.10 -9.06
CA ILE A 377 24.15 10.45 -7.66
C ILE A 377 24.45 11.96 -7.46
N PRO A 378 25.31 12.60 -8.28
CA PRO A 378 25.56 14.04 -8.06
C PRO A 378 24.56 14.97 -8.75
N LYS A 379 23.36 14.46 -9.11
CA LYS A 379 22.30 15.25 -9.72
C LYS A 379 21.13 15.42 -8.74
N TYR A 380 20.80 14.36 -7.98
CA TYR A 380 19.73 14.44 -6.97
C TYR A 380 20.19 15.29 -5.79
N SER A 381 21.45 15.18 -5.42
CA SER A 381 22.01 15.97 -4.33
C SER A 381 22.15 17.44 -4.74
N ASN A 382 22.48 17.70 -6.03
CA ASN A 382 22.63 19.07 -6.57
C ASN A 382 21.33 19.73 -7.02
N GLY A 383 20.19 19.19 -6.59
CA GLY A 383 18.86 19.70 -6.91
C GLY A 383 18.60 19.91 -8.40
N ASN A 384 19.30 19.16 -9.26
CA ASN A 384 19.12 19.30 -10.70
C ASN A 384 17.94 18.46 -11.20
N ILE A 385 16.90 18.31 -10.39
CA ILE A 385 15.69 17.58 -10.75
C ILE A 385 14.49 18.45 -10.33
N LYS A 386 13.46 18.47 -11.18
CA LYS A 386 12.20 19.16 -10.92
C LYS A 386 11.16 18.08 -10.93
N LYS A 387 10.74 17.63 -9.75
CA LYS A 387 9.76 16.57 -9.64
C LYS A 387 8.41 17.15 -10.06
N LEU A 388 7.76 16.56 -11.07
CA LEU A 388 6.49 17.07 -11.57
C LEU A 388 5.35 16.47 -10.79
N LEU A 389 4.55 17.34 -10.15
CA LEU A 389 3.43 16.94 -9.32
C LEU A 389 2.10 17.44 -9.85
N PHE A 390 1.06 16.62 -9.76
CA PHE A 390 -0.31 17.00 -10.11
C PHE A 390 -0.89 17.83 -8.95
N HIS A 391 -0.61 17.40 -7.71
CA HIS A 391 -1.09 18.03 -6.49
C HIS A 391 -0.01 18.86 -5.81
N GLN A 392 -0.37 20.06 -5.32
CA GLN A 392 0.58 20.94 -4.66
C GLN A 392 0.09 21.34 -3.26
N PRO B 34 6.30 -28.81 3.38
CA PRO B 34 5.05 -28.18 2.93
C PRO B 34 4.85 -28.23 1.41
N LYS B 35 4.59 -29.43 0.86
CA LYS B 35 4.41 -29.73 -0.57
C LYS B 35 3.40 -28.79 -1.17
N LEU B 36 3.76 -28.07 -2.24
CA LEU B 36 2.79 -27.14 -2.86
C LEU B 36 2.23 -27.66 -4.16
N CYS B 37 0.93 -27.46 -4.36
CA CYS B 37 0.21 -27.85 -5.57
C CYS B 37 0.81 -27.08 -6.74
N LEU B 38 1.35 -27.79 -7.74
CA LEU B 38 1.96 -27.10 -8.88
C LEU B 38 0.96 -26.35 -9.79
N VAL B 39 -0.35 -26.30 -9.42
CA VAL B 39 -1.36 -25.58 -10.19
C VAL B 39 -1.87 -24.36 -9.42
N CYS B 40 -2.31 -24.55 -8.17
CA CYS B 40 -2.87 -23.45 -7.39
C CYS B 40 -2.07 -23.07 -6.15
N SER B 41 -0.91 -23.67 -5.91
CA SER B 41 -0.05 -23.43 -4.74
C SER B 41 -0.67 -23.76 -3.38
N ASP B 42 -1.86 -24.32 -3.36
CA ASP B 42 -2.49 -24.76 -2.12
C ASP B 42 -1.72 -26.01 -1.64
N GLU B 43 -1.75 -26.28 -0.33
CA GLU B 43 -1.05 -27.44 0.24
C GLU B 43 -1.41 -28.74 -0.48
N ALA B 44 -0.46 -29.31 -1.23
CA ALA B 44 -0.68 -30.53 -2.01
C ALA B 44 -1.11 -31.73 -1.18
N SER B 45 -1.97 -32.58 -1.73
CA SER B 45 -2.42 -33.80 -1.03
C SER B 45 -1.76 -35.08 -1.58
N GLY B 46 -1.14 -34.98 -2.74
CA GLY B 46 -0.45 -36.09 -3.37
C GLY B 46 -0.03 -35.80 -4.79
N CYS B 47 0.56 -36.81 -5.41
CA CYS B 47 1.03 -36.75 -6.78
C CYS B 47 -0.12 -37.26 -7.64
N HIS B 48 -1.07 -36.37 -7.95
CA HIS B 48 -2.27 -36.69 -8.73
C HIS B 48 -2.09 -36.52 -10.22
N TYR B 49 -2.31 -37.60 -10.98
CA TYR B 49 -2.21 -37.63 -12.45
C TYR B 49 -0.83 -37.15 -12.91
N GLY B 50 0.21 -37.65 -12.26
CA GLY B 50 1.61 -37.36 -12.58
C GLY B 50 2.15 -36.03 -12.09
N VAL B 51 1.31 -35.22 -11.44
CA VAL B 51 1.72 -33.90 -10.97
C VAL B 51 1.38 -33.74 -9.51
N LEU B 52 2.31 -33.21 -8.70
CA LEU B 52 2.03 -32.94 -7.30
C LEU B 52 0.97 -31.84 -7.20
N THR B 53 -0.29 -32.23 -6.90
CA THR B 53 -1.40 -31.30 -6.74
C THR B 53 -2.19 -31.57 -5.44
N CYS B 54 -3.05 -30.61 -5.05
CA CYS B 54 -3.96 -30.69 -3.91
C CYS B 54 -5.23 -31.45 -4.34
N GLY B 55 -6.10 -31.70 -3.38
CA GLY B 55 -7.36 -32.38 -3.64
C GLY B 55 -8.24 -31.72 -4.69
N SER B 56 -8.43 -30.41 -4.60
CA SER B 56 -9.29 -29.71 -5.53
C SER B 56 -8.83 -29.76 -6.97
N CYS B 57 -7.55 -29.51 -7.25
CA CYS B 57 -7.07 -29.54 -8.65
C CYS B 57 -7.15 -30.93 -9.26
N LYS B 58 -7.03 -31.99 -8.43
CA LYS B 58 -7.14 -33.38 -8.87
C LYS B 58 -8.54 -33.61 -9.45
N VAL B 59 -9.58 -33.23 -8.70
CA VAL B 59 -10.95 -33.46 -9.11
C VAL B 59 -11.40 -32.45 -10.18
N PHE B 60 -10.82 -31.25 -10.21
CA PHE B 60 -11.12 -30.29 -11.26
C PHE B 60 -10.60 -30.81 -12.58
N PHE B 61 -9.36 -31.32 -12.59
CA PHE B 61 -8.75 -31.84 -13.80
C PHE B 61 -9.52 -33.02 -14.34
N LYS B 62 -9.86 -33.99 -13.47
CA LYS B 62 -10.64 -35.17 -13.88
C LYS B 62 -11.99 -34.74 -14.47
N ARG B 63 -12.58 -33.68 -13.94
CA ARG B 63 -13.83 -33.17 -14.45
C ARG B 63 -13.67 -32.44 -15.79
N ALA B 64 -12.62 -31.61 -15.94
CA ALA B 64 -12.36 -30.84 -17.16
C ALA B 64 -12.00 -31.69 -18.41
N VAL B 65 -11.56 -32.93 -18.23
CA VAL B 65 -11.29 -33.80 -19.38
C VAL B 65 -12.50 -34.69 -19.63
N GLU B 66 -13.18 -35.17 -18.57
CA GLU B 66 -14.35 -36.03 -18.73
C GLU B 66 -15.54 -35.27 -19.27
N GLY B 67 -15.75 -34.06 -18.76
CA GLY B 67 -16.76 -33.18 -19.29
C GLY B 67 -16.24 -32.58 -20.58
N GLN B 68 -17.14 -32.25 -21.54
CA GLN B 68 -16.70 -31.67 -22.82
C GLN B 68 -15.95 -30.36 -22.59
N HIS B 69 -16.47 -29.55 -21.65
CA HIS B 69 -15.94 -28.30 -21.14
C HIS B 69 -15.00 -27.56 -22.09
N ASN B 70 -15.63 -26.70 -22.88
CA ASN B 70 -15.00 -25.83 -23.85
C ASN B 70 -14.89 -24.52 -23.07
N TYR B 71 -14.01 -24.52 -22.04
CA TYR B 71 -13.81 -23.40 -21.11
C TYR B 71 -13.32 -22.12 -21.80
N LEU B 72 -13.87 -20.96 -21.38
CA LEU B 72 -13.48 -19.67 -21.94
C LEU B 72 -12.79 -18.78 -20.92
N CYS B 73 -11.81 -18.00 -21.37
CA CYS B 73 -11.06 -17.12 -20.48
C CYS B 73 -11.54 -15.69 -20.67
N ALA B 74 -12.02 -15.05 -19.59
CA ALA B 74 -12.47 -13.65 -19.71
C ALA B 74 -11.30 -12.64 -19.87
N GLY B 75 -10.08 -13.11 -19.59
CA GLY B 75 -8.88 -12.30 -19.63
C GLY B 75 -8.03 -12.47 -20.86
N ARG B 76 -6.75 -12.73 -20.64
CA ARG B 76 -5.77 -12.83 -21.70
C ARG B 76 -5.06 -14.18 -21.72
N ASN B 77 -5.74 -15.25 -21.23
CA ASN B 77 -5.23 -16.63 -21.17
C ASN B 77 -3.97 -16.78 -20.33
N ASP B 78 -3.81 -15.95 -19.31
CA ASP B 78 -2.68 -16.00 -18.41
C ASP B 78 -3.06 -15.53 -17.01
N CYS B 79 -4.30 -15.82 -16.59
CA CYS B 79 -4.80 -15.44 -15.28
C CYS B 79 -4.03 -16.18 -14.23
N ILE B 80 -3.72 -15.52 -13.13
CA ILE B 80 -3.02 -16.14 -12.03
C ILE B 80 -3.87 -17.16 -11.31
N ILE B 81 -3.35 -18.40 -11.20
CA ILE B 81 -4.07 -19.43 -10.48
C ILE B 81 -3.51 -19.61 -9.07
N ASP B 82 -4.17 -19.01 -8.08
CA ASP B 82 -3.77 -19.17 -6.69
C ASP B 82 -4.93 -19.78 -5.88
N LYS B 83 -4.75 -20.19 -4.62
CA LYS B 83 -5.83 -20.81 -3.82
C LYS B 83 -7.15 -20.02 -3.84
N ILE B 84 -7.09 -18.71 -3.64
CA ILE B 84 -8.32 -17.89 -3.64
C ILE B 84 -8.91 -17.71 -5.06
N ARG B 85 -8.08 -17.59 -6.10
CA ARG B 85 -8.58 -17.33 -7.46
C ARG B 85 -8.59 -18.54 -8.40
N ARG B 86 -8.47 -19.76 -7.85
CA ARG B 86 -8.53 -20.94 -8.69
C ARG B 86 -9.97 -21.17 -9.23
N LYS B 87 -11.00 -20.71 -8.46
CA LYS B 87 -12.39 -20.79 -8.86
C LYS B 87 -12.68 -19.89 -10.07
N ASN B 88 -11.96 -18.74 -10.17
CA ASN B 88 -12.07 -17.70 -11.19
C ASN B 88 -12.02 -18.21 -12.65
N CYS B 89 -10.85 -18.55 -13.20
CA CYS B 89 -10.76 -18.96 -14.59
C CYS B 89 -10.60 -20.45 -14.76
N PRO B 90 -11.69 -21.19 -14.99
CA PRO B 90 -11.54 -22.63 -15.25
C PRO B 90 -10.76 -22.91 -16.54
N ALA B 91 -10.69 -21.96 -17.49
CA ALA B 91 -9.95 -22.18 -18.74
C ALA B 91 -8.44 -22.10 -18.46
N CYS B 92 -8.02 -21.11 -17.68
CA CYS B 92 -6.61 -20.97 -17.31
C CYS B 92 -6.18 -22.04 -16.33
N ARG B 93 -7.07 -22.50 -15.45
CA ARG B 93 -6.74 -23.54 -14.48
C ARG B 93 -6.53 -24.84 -15.22
N TYR B 94 -7.43 -25.15 -16.17
CA TYR B 94 -7.30 -26.37 -16.96
C TYR B 94 -6.08 -26.30 -17.87
N ARG B 95 -5.79 -25.10 -18.40
CA ARG B 95 -4.62 -24.83 -19.24
C ARG B 95 -3.36 -25.12 -18.39
N LYS B 96 -3.31 -24.57 -17.17
CA LYS B 96 -2.22 -24.72 -16.21
C LYS B 96 -2.02 -26.18 -15.79
N CYS B 97 -3.12 -26.95 -15.65
CA CYS B 97 -3.11 -28.38 -15.29
C CYS B 97 -2.35 -29.14 -16.34
N LEU B 98 -2.65 -28.88 -17.62
CA LEU B 98 -1.98 -29.56 -18.74
C LEU B 98 -0.53 -29.10 -18.84
N GLN B 99 -0.25 -27.79 -18.71
CA GLN B 99 1.11 -27.27 -18.74
C GLN B 99 2.00 -27.90 -17.67
N ALA B 100 1.43 -28.21 -16.48
CA ALA B 100 2.18 -28.87 -15.42
C ALA B 100 2.54 -30.30 -15.85
N GLY B 101 1.60 -30.98 -16.50
CA GLY B 101 1.81 -32.33 -17.01
C GLY B 101 0.68 -33.31 -16.78
N MET B 102 -0.44 -32.85 -16.23
CA MET B 102 -1.55 -33.75 -15.93
C MET B 102 -2.07 -34.50 -17.16
N ASN B 103 -2.41 -35.76 -16.96
CA ASN B 103 -2.89 -36.65 -18.02
C ASN B 103 -3.52 -37.93 -17.41
N LEU B 104 -4.26 -38.74 -18.20
CA LEU B 104 -4.88 -39.95 -17.66
C LEU B 104 -4.52 -41.20 -18.47
N GLN B 143 -5.42 -18.05 43.08
CA GLN B 143 -4.33 -17.07 43.20
C GLN B 143 -4.65 -15.83 42.32
N LEU B 144 -5.04 -14.71 43.00
CA LEU B 144 -5.44 -13.44 42.36
C LEU B 144 -4.27 -12.72 41.73
N THR B 145 -3.14 -12.62 42.48
CA THR B 145 -1.82 -12.07 42.11
C THR B 145 -1.83 -11.22 40.80
N PRO B 146 -2.17 -9.92 40.93
CA PRO B 146 -2.32 -9.09 39.72
C PRO B 146 -1.05 -8.86 38.91
N THR B 147 -1.12 -9.21 37.62
CA THR B 147 -0.07 -9.03 36.63
C THR B 147 0.05 -7.54 36.32
N LEU B 148 1.23 -7.11 35.87
CA LEU B 148 1.44 -5.73 35.47
C LEU B 148 0.55 -5.39 34.27
N VAL B 149 0.42 -6.34 33.31
CA VAL B 149 -0.40 -6.20 32.10
C VAL B 149 -1.88 -6.12 32.42
N SER B 150 -2.36 -6.92 33.39
CA SER B 150 -3.75 -6.89 33.82
C SER B 150 -4.13 -5.55 34.49
N LEU B 151 -3.13 -4.83 35.03
CA LEU B 151 -3.36 -3.51 35.61
C LEU B 151 -3.58 -2.53 34.47
N LEU B 152 -2.78 -2.60 33.39
CA LEU B 152 -2.92 -1.76 32.21
C LEU B 152 -4.27 -2.00 31.54
N GLU B 153 -4.78 -3.25 31.62
CA GLU B 153 -6.07 -3.62 31.05
C GLU B 153 -7.21 -2.98 31.84
N VAL B 154 -7.12 -3.03 33.19
CA VAL B 154 -8.11 -2.46 34.12
C VAL B 154 -8.09 -0.94 34.05
N ILE B 155 -6.91 -0.32 33.93
CA ILE B 155 -6.82 1.14 33.83
C ILE B 155 -7.22 1.67 32.46
N GLU B 156 -7.44 0.81 31.46
CA GLU B 156 -7.81 1.27 30.13
C GLU B 156 -9.14 2.01 30.15
N PRO B 157 -9.14 3.27 29.66
CA PRO B 157 -10.38 4.05 29.68
C PRO B 157 -11.41 3.60 28.66
N GLU B 158 -12.67 3.80 29.02
CA GLU B 158 -13.81 3.42 28.20
C GLU B 158 -13.95 4.36 27.04
N VAL B 159 -14.39 3.82 25.90
CA VAL B 159 -14.50 4.56 24.66
C VAL B 159 -15.55 5.66 24.75
N LEU B 160 -15.10 6.88 24.43
CA LEU B 160 -15.90 8.09 24.44
C LEU B 160 -16.67 8.31 23.15
N TYR B 161 -17.84 8.94 23.25
CA TYR B 161 -18.67 9.23 22.09
C TYR B 161 -18.40 10.64 21.59
N ALA B 162 -18.37 10.82 20.26
CA ALA B 162 -18.06 12.09 19.62
C ALA B 162 -19.11 13.16 19.83
N GLY B 163 -20.35 12.75 20.04
CA GLY B 163 -21.49 13.65 20.14
C GLY B 163 -21.88 14.19 18.78
N TYR B 164 -21.68 13.37 17.73
CA TYR B 164 -21.95 13.73 16.35
C TYR B 164 -23.41 13.41 15.99
N ASP B 165 -23.98 14.21 15.08
CA ASP B 165 -25.34 13.93 14.62
C ASP B 165 -25.39 13.66 13.13
N SER B 166 -25.42 12.38 12.76
CA SER B 166 -25.55 11.95 11.37
C SER B 166 -26.86 12.49 10.72
N SER B 167 -27.87 12.83 11.55
CA SER B 167 -29.14 13.37 11.11
C SER B 167 -28.96 14.55 10.14
N VAL B 168 -28.34 15.65 10.59
CA VAL B 168 -28.06 16.80 9.73
C VAL B 168 -26.90 16.48 8.77
N PRO B 169 -26.79 17.20 7.63
CA PRO B 169 -25.76 16.85 6.65
C PRO B 169 -24.32 16.86 7.13
N ASP B 170 -23.50 16.08 6.45
CA ASP B 170 -22.08 15.98 6.72
C ASP B 170 -21.39 17.28 6.30
N SER B 171 -20.34 17.67 7.02
CA SER B 171 -19.61 18.89 6.70
C SER B 171 -18.14 18.75 7.10
N THR B 172 -17.25 19.42 6.37
CA THR B 172 -15.82 19.39 6.68
C THR B 172 -15.54 20.10 8.01
N TRP B 173 -16.29 21.17 8.31
CA TRP B 173 -16.10 21.90 9.55
C TRP B 173 -16.61 21.07 10.73
N ARG B 174 -17.85 20.54 10.61
CA ARG B 174 -18.51 19.74 11.64
C ARG B 174 -17.66 18.54 12.01
N ILE B 175 -17.15 17.78 11.02
CA ILE B 175 -16.31 16.62 11.30
C ILE B 175 -15.05 17.02 12.09
N MET B 176 -14.15 17.84 11.50
CA MET B 176 -12.91 18.30 12.14
C MET B 176 -13.13 18.89 13.53
N THR B 177 -14.14 19.76 13.69
CA THR B 177 -14.40 20.38 14.99
C THR B 177 -14.90 19.36 16.04
N THR B 178 -15.82 18.45 15.65
CA THR B 178 -16.34 17.42 16.55
C THR B 178 -15.21 16.53 17.05
N LEU B 179 -14.26 16.18 16.15
CA LEU B 179 -13.08 15.38 16.47
C LEU B 179 -12.11 16.11 17.39
N ASN B 180 -12.05 17.44 17.30
CA ASN B 180 -11.24 18.24 18.20
C ASN B 180 -11.86 18.17 19.60
N MET B 181 -13.19 18.34 19.70
CA MET B 181 -13.91 18.26 20.98
C MET B 181 -13.80 16.86 21.58
N LEU B 182 -13.85 15.83 20.75
CA LEU B 182 -13.71 14.46 21.20
C LEU B 182 -12.27 14.17 21.68
N GLY B 183 -11.29 14.76 21.02
CA GLY B 183 -9.88 14.64 21.38
C GLY B 183 -9.53 15.34 22.68
N GLY B 184 -10.27 16.38 23.02
CA GLY B 184 -10.08 17.12 24.26
C GLY B 184 -10.62 16.31 25.42
N ARG B 185 -11.82 15.73 25.25
CA ARG B 185 -12.44 14.83 26.23
C ARG B 185 -11.55 13.58 26.37
N GLN B 186 -10.99 13.08 25.25
CA GLN B 186 -10.09 11.92 25.25
C GLN B 186 -8.75 12.25 25.94
N MET B 187 -8.33 13.53 25.91
CA MET B 187 -7.14 14.00 26.64
C MET B 187 -7.38 14.10 28.15
N ILE B 188 -8.64 14.24 28.57
CA ILE B 188 -9.05 14.24 29.97
C ILE B 188 -8.76 12.83 30.53
N ALA B 189 -9.16 11.78 29.79
CA ALA B 189 -8.92 10.40 30.19
C ALA B 189 -7.48 9.96 29.96
N ALA B 190 -6.77 10.58 28.99
CA ALA B 190 -5.36 10.27 28.72
C ALA B 190 -4.50 10.64 29.92
N VAL B 191 -4.80 11.78 30.56
CA VAL B 191 -4.05 12.19 31.74
C VAL B 191 -4.37 11.25 32.88
N LYS B 192 -5.67 11.01 33.17
CA LYS B 192 -6.07 10.10 34.25
C LYS B 192 -5.49 8.69 34.09
N TRP B 193 -5.49 8.14 32.85
CA TRP B 193 -4.94 6.82 32.52
C TRP B 193 -3.44 6.78 32.78
N ALA B 194 -2.73 7.88 32.50
CA ALA B 194 -1.31 7.94 32.74
C ALA B 194 -1.01 7.86 34.24
N LYS B 195 -1.79 8.59 35.08
CA LYS B 195 -1.61 8.61 36.53
C LYS B 195 -1.58 7.20 37.13
N ALA B 196 -2.45 6.32 36.61
CA ALA B 196 -2.63 4.96 37.08
C ALA B 196 -1.62 3.95 36.54
N ILE B 197 -0.65 4.40 35.75
CA ILE B 197 0.36 3.51 35.21
C ILE B 197 1.39 3.20 36.28
N PRO B 198 1.58 1.92 36.60
CA PRO B 198 2.60 1.56 37.60
C PRO B 198 3.98 2.11 37.26
N GLY B 199 4.41 3.10 38.03
CA GLY B 199 5.70 3.74 37.80
C GLY B 199 5.60 5.20 37.40
N PHE B 200 4.60 5.54 36.57
CA PHE B 200 4.38 6.91 36.10
C PHE B 200 3.98 7.82 37.25
N ARG B 201 3.15 7.31 38.17
CA ARG B 201 2.75 8.10 39.33
C ARG B 201 3.99 8.47 40.21
N ASN B 202 5.10 7.70 40.11
CA ASN B 202 6.37 7.92 40.81
C ASN B 202 7.18 9.08 40.22
N LEU B 203 7.00 9.37 38.93
CA LEU B 203 7.71 10.45 38.23
C LEU B 203 7.38 11.82 38.79
N HIS B 204 8.27 12.81 38.54
CA HIS B 204 8.05 14.19 38.96
C HIS B 204 6.88 14.79 38.14
N LEU B 205 6.08 15.67 38.75
CA LEU B 205 4.90 16.28 38.11
C LEU B 205 5.16 16.91 36.73
N ASP B 206 6.31 17.58 36.54
CA ASP B 206 6.63 18.17 35.25
C ASP B 206 7.13 17.14 34.23
N ASP B 207 7.64 16.00 34.68
CA ASP B 207 8.00 14.90 33.78
C ASP B 207 6.69 14.23 33.34
N GLN B 208 5.71 14.11 34.26
CA GLN B 208 4.39 13.56 33.99
C GLN B 208 3.64 14.44 32.99
N MET B 209 3.59 15.75 33.25
CA MET B 209 2.92 16.74 32.41
C MET B 209 3.64 16.89 31.05
N THR B 210 4.99 16.72 31.02
CA THR B 210 5.75 16.83 29.77
C THR B 210 5.63 15.55 28.94
N LEU B 211 5.68 14.35 29.54
CA LEU B 211 5.57 13.10 28.78
C LEU B 211 4.24 12.97 28.07
N LEU B 212 3.18 13.50 28.68
CA LEU B 212 1.85 13.53 28.09
C LEU B 212 1.82 14.59 26.95
N GLN B 213 2.50 15.73 27.14
CA GLN B 213 2.61 16.77 26.12
C GLN B 213 3.40 16.29 24.88
N TYR B 214 4.51 15.58 25.07
CA TYR B 214 5.34 15.13 23.97
C TYR B 214 4.69 14.01 23.19
N SER B 215 4.00 13.11 23.90
CA SER B 215 3.38 11.95 23.27
C SER B 215 1.87 11.86 23.50
N TRP B 216 1.11 12.86 23.05
CA TRP B 216 -0.35 12.87 23.18
C TRP B 216 -0.92 12.38 21.87
N MET B 217 -0.48 12.98 20.76
CA MET B 217 -0.89 12.61 19.43
C MET B 217 -0.56 11.13 19.16
N SER B 218 0.58 10.64 19.69
CA SER B 218 1.00 9.25 19.59
C SER B 218 -0.06 8.34 20.21
N LEU B 219 -0.52 8.68 21.44
CA LEU B 219 -1.50 7.89 22.15
C LEU B 219 -2.85 7.88 21.48
N MET B 220 -3.32 9.05 21.05
CA MET B 220 -4.63 9.18 20.43
C MET B 220 -4.67 8.54 19.06
N ALA B 221 -3.59 8.65 18.28
CA ALA B 221 -3.56 8.05 16.95
C ALA B 221 -3.44 6.55 17.01
N PHE B 222 -2.68 6.04 17.99
CA PHE B 222 -2.51 4.60 18.19
C PHE B 222 -3.83 4.02 18.68
N ALA B 223 -4.52 4.70 19.60
CA ALA B 223 -5.81 4.22 20.10
C ALA B 223 -6.88 4.30 18.98
N LEU B 224 -6.77 5.29 18.08
CA LEU B 224 -7.66 5.44 16.94
C LEU B 224 -7.43 4.26 16.00
N GLY B 225 -6.15 3.96 15.72
CA GLY B 225 -5.71 2.84 14.89
C GLY B 225 -6.25 1.56 15.46
N TRP B 226 -6.15 1.40 16.78
CA TRP B 226 -6.68 0.26 17.50
C TRP B 226 -8.21 0.16 17.38
N ARG B 227 -8.91 1.26 17.61
CA ARG B 227 -10.37 1.31 17.49
C ARG B 227 -10.82 0.95 16.07
N SER B 228 -10.03 1.35 15.05
CA SER B 228 -10.35 1.10 13.66
C SER B 228 -10.09 -0.35 13.29
N TYR B 229 -9.01 -0.90 13.83
CA TYR B 229 -8.61 -2.28 13.67
C TYR B 229 -9.70 -3.17 14.30
N ARG B 230 -10.15 -2.83 15.51
CA ARG B 230 -11.16 -3.63 16.17
C ARG B 230 -12.54 -3.44 15.57
N GLN B 231 -12.85 -2.23 15.06
CA GLN B 231 -14.14 -1.90 14.47
C GLN B 231 -14.47 -2.76 13.23
N SER B 232 -13.55 -2.85 12.26
CA SER B 232 -13.80 -3.65 11.06
C SER B 232 -12.51 -3.92 10.27
N SER B 233 -12.55 -4.94 9.38
CA SER B 233 -11.45 -5.23 8.47
C SER B 233 -11.34 -4.16 7.34
N ALA B 234 -12.37 -3.32 7.18
CA ALA B 234 -12.41 -2.27 6.19
C ALA B 234 -11.51 -1.09 6.54
N ASN B 235 -11.17 -0.26 5.54
CA ASN B 235 -10.36 0.93 5.75
C ASN B 235 -11.27 1.95 6.39
N LEU B 236 -11.26 2.01 7.72
CA LEU B 236 -12.11 2.94 8.46
C LEU B 236 -11.25 3.79 9.39
N LEU B 237 -11.89 4.79 9.96
CA LEU B 237 -11.30 5.58 11.00
C LEU B 237 -12.39 5.68 12.05
N CYS B 238 -12.18 5.02 13.19
CA CYS B 238 -13.19 4.89 14.23
C CYS B 238 -12.88 5.80 15.43
N PHE B 239 -13.10 7.09 15.25
CA PHE B 239 -12.85 8.08 16.29
C PHE B 239 -13.76 7.89 17.49
N ALA B 240 -15.01 7.53 17.22
CA ALA B 240 -16.01 7.29 18.23
C ALA B 240 -17.01 6.25 17.72
N PRO B 241 -17.74 5.55 18.60
CA PRO B 241 -18.72 4.56 18.12
C PRO B 241 -19.81 5.17 17.25
N ASP B 242 -20.07 6.48 17.45
CA ASP B 242 -21.08 7.24 16.72
C ASP B 242 -20.46 8.19 15.68
N LEU B 243 -19.25 7.87 15.16
CA LEU B 243 -18.56 8.68 14.17
C LEU B 243 -17.45 7.91 13.48
N ILE B 244 -17.80 7.22 12.39
CA ILE B 244 -16.87 6.41 11.62
C ILE B 244 -16.80 6.95 10.18
N ILE B 245 -15.58 7.31 9.74
CA ILE B 245 -15.40 7.87 8.41
C ILE B 245 -14.96 6.76 7.48
N ASN B 246 -15.90 6.15 6.75
CA ASN B 246 -15.67 5.07 5.78
C ASN B 246 -14.66 5.46 4.68
N GLU B 247 -14.12 4.48 3.93
CA GLU B 247 -13.10 4.76 2.90
C GLU B 247 -13.52 5.82 1.91
N GLN B 248 -14.76 5.71 1.43
CA GLN B 248 -15.38 6.64 0.46
C GLN B 248 -15.26 8.10 0.88
N ARG B 249 -15.52 8.39 2.15
CA ARG B 249 -15.46 9.76 2.65
C ARG B 249 -14.05 10.28 2.82
N MET B 250 -13.11 9.44 3.27
CA MET B 250 -11.75 9.94 3.51
C MET B 250 -10.85 9.99 2.28
N THR B 251 -11.37 9.65 1.10
CA THR B 251 -10.62 9.77 -0.13
C THR B 251 -10.87 11.11 -0.84
N LEU B 252 -11.80 11.93 -0.33
CA LEU B 252 -12.07 13.27 -0.86
C LEU B 252 -10.89 14.17 -0.43
N PRO B 253 -10.51 15.15 -1.25
CA PRO B 253 -9.32 15.96 -0.95
C PRO B 253 -9.22 16.59 0.45
N ASP B 254 -10.36 16.97 1.03
CA ASP B 254 -10.39 17.60 2.36
C ASP B 254 -9.80 16.72 3.46
N MET B 255 -9.88 15.39 3.29
CA MET B 255 -9.40 14.42 4.28
C MET B 255 -8.24 13.57 3.79
N TYR B 256 -8.06 13.43 2.46
CA TYR B 256 -7.08 12.54 1.85
C TYR B 256 -5.70 12.44 2.57
N ASP B 257 -4.80 13.44 2.41
CA ASP B 257 -3.44 13.40 2.91
C ASP B 257 -3.29 13.12 4.39
N GLN B 258 -4.18 13.65 5.24
CA GLN B 258 -4.08 13.44 6.68
C GLN B 258 -4.52 12.04 7.09
N CYS B 259 -5.58 11.54 6.47
CA CYS B 259 -6.09 10.20 6.73
C CYS B 259 -5.12 9.11 6.33
N LYS B 260 -4.28 9.33 5.29
CA LYS B 260 -3.27 8.34 4.89
C LYS B 260 -2.36 7.95 6.06
N HIS B 261 -2.10 8.91 6.97
CA HIS B 261 -1.25 8.71 8.13
C HIS B 261 -2.02 8.12 9.30
N MET B 262 -3.28 8.54 9.48
CA MET B 262 -4.12 7.98 10.54
C MET B 262 -4.40 6.49 10.27
N LEU B 263 -4.55 6.12 8.99
CA LEU B 263 -4.81 4.77 8.56
C LEU B 263 -3.59 3.85 8.65
N TYR B 264 -2.37 4.41 8.73
CA TYR B 264 -1.16 3.58 8.79
C TYR B 264 -1.18 2.64 9.98
N VAL B 265 -1.58 3.19 11.13
CA VAL B 265 -1.65 2.47 12.39
C VAL B 265 -2.53 1.21 12.28
N SER B 266 -3.84 1.37 11.94
CA SER B 266 -4.73 0.22 11.78
C SER B 266 -4.28 -0.72 10.66
N SER B 267 -3.61 -0.18 9.64
CA SER B 267 -3.08 -0.99 8.53
C SER B 267 -2.08 -2.02 9.07
N GLU B 268 -1.24 -1.59 10.02
CA GLU B 268 -0.21 -2.40 10.63
C GLU B 268 -0.70 -3.27 11.78
N LEU B 269 -1.73 -2.82 12.47
CA LEU B 269 -2.34 -3.62 13.51
C LEU B 269 -3.02 -4.84 12.88
N HIS B 270 -3.64 -4.66 11.69
CA HIS B 270 -4.26 -5.77 10.97
C HIS B 270 -3.16 -6.66 10.45
N ARG B 271 -2.14 -6.08 9.81
CA ARG B 271 -1.05 -6.83 9.23
C ARG B 271 -0.37 -7.72 10.25
N LEU B 272 -0.14 -7.17 11.43
CA LEU B 272 0.52 -7.89 12.48
C LEU B 272 -0.39 -8.69 13.38
N GLN B 273 -1.72 -8.59 13.21
CA GLN B 273 -2.72 -9.23 14.07
C GLN B 273 -2.42 -8.97 15.56
N VAL B 274 -2.10 -7.70 15.90
CA VAL B 274 -1.73 -7.27 17.23
C VAL B 274 -2.77 -7.65 18.26
N SER B 275 -2.33 -8.31 19.35
CA SER B 275 -3.25 -8.74 20.40
C SER B 275 -3.53 -7.58 21.36
N TYR B 276 -4.51 -7.76 22.27
CA TYR B 276 -4.86 -6.70 23.20
C TYR B 276 -3.76 -6.46 24.20
N GLU B 277 -3.15 -7.53 24.72
CA GLU B 277 -2.04 -7.38 25.66
C GLU B 277 -0.81 -6.79 24.99
N GLU B 278 -0.59 -7.05 23.69
CA GLU B 278 0.50 -6.43 22.96
C GLU B 278 0.21 -4.95 22.79
N TYR B 279 -1.04 -4.61 22.49
CA TYR B 279 -1.45 -3.24 22.31
C TYR B 279 -1.30 -2.46 23.60
N LEU B 280 -1.65 -3.05 24.74
CA LEU B 280 -1.59 -2.32 26.00
C LEU B 280 -0.18 -1.92 26.36
N CYS B 281 0.79 -2.82 26.11
CA CYS B 281 2.19 -2.52 26.39
C CYS B 281 2.72 -1.53 25.38
N MET B 282 2.35 -1.70 24.10
CA MET B 282 2.78 -0.78 23.05
C MET B 282 2.26 0.61 23.30
N LYS B 283 0.99 0.77 23.69
CA LYS B 283 0.44 2.08 23.97
C LYS B 283 1.15 2.73 25.14
N THR B 284 1.64 1.94 26.10
CA THR B 284 2.38 2.47 27.24
C THR B 284 3.75 2.92 26.75
N LEU B 285 4.45 2.08 25.98
CA LEU B 285 5.75 2.44 25.44
C LEU B 285 5.73 3.73 24.60
N LEU B 286 4.54 4.08 24.07
CA LEU B 286 4.34 5.29 23.30
C LEU B 286 4.29 6.51 24.22
N LEU B 287 3.68 6.39 25.41
CA LEU B 287 3.69 7.47 26.40
C LEU B 287 5.15 7.76 26.84
N LEU B 288 6.01 6.73 26.85
CA LEU B 288 7.42 6.85 27.22
C LEU B 288 8.35 6.92 26.00
N SER B 289 7.85 7.36 24.84
CA SER B 289 8.62 7.38 23.60
C SER B 289 9.29 8.73 23.24
N SER B 290 8.86 9.85 23.85
CA SER B 290 9.48 11.15 23.56
C SER B 290 9.88 11.94 24.81
N VAL B 291 11.18 12.14 25.01
CA VAL B 291 11.73 12.87 26.16
C VAL B 291 12.34 14.22 25.74
N PRO B 292 12.61 15.14 26.69
CA PRO B 292 13.26 16.41 26.29
C PRO B 292 14.68 16.17 25.75
N LYS B 293 15.14 17.01 24.81
CA LYS B 293 16.49 16.90 24.26
C LYS B 293 17.58 17.04 25.37
N ASP B 294 17.24 17.69 26.49
CA ASP B 294 18.17 17.80 27.63
C ASP B 294 17.80 16.85 28.79
N GLY B 295 17.06 15.77 28.49
CA GLY B 295 16.65 14.76 29.46
C GLY B 295 15.65 15.17 30.53
N LEU B 296 14.95 14.18 31.10
CA LEU B 296 13.95 14.41 32.15
C LEU B 296 14.57 14.55 33.55
N LYS B 297 13.80 15.05 34.54
CA LYS B 297 14.26 15.24 35.92
C LYS B 297 14.39 13.89 36.62
N SER B 298 13.34 13.05 36.53
CA SER B 298 13.30 11.70 37.09
C SER B 298 13.74 10.75 35.97
N GLN B 299 14.90 11.02 35.36
CA GLN B 299 15.45 10.25 34.23
C GLN B 299 15.90 8.83 34.56
N GLU B 300 16.55 8.63 35.72
CA GLU B 300 17.00 7.29 36.12
C GLU B 300 15.80 6.35 36.29
N LEU B 301 14.75 6.86 36.99
CA LEU B 301 13.48 6.20 37.26
C LEU B 301 12.78 5.89 35.95
N PHE B 302 12.75 6.86 35.03
CA PHE B 302 12.13 6.74 33.71
C PHE B 302 12.70 5.55 32.95
N ASP B 303 14.02 5.38 32.97
CA ASP B 303 14.67 4.29 32.27
C ASP B 303 14.31 2.91 32.80
N GLU B 304 13.98 2.80 34.10
CA GLU B 304 13.57 1.50 34.65
C GLU B 304 12.11 1.20 34.29
N ILE B 305 11.25 2.24 34.27
CA ILE B 305 9.84 2.08 33.91
C ILE B 305 9.76 1.62 32.46
N ARG B 306 10.40 2.37 31.53
CA ARG B 306 10.46 2.08 30.09
C ARG B 306 10.98 0.67 29.82
N MET B 307 12.10 0.31 30.44
CA MET B 307 12.70 -1.01 30.29
C MET B 307 11.73 -2.11 30.74
N THR B 308 10.99 -1.86 31.82
CA THR B 308 10.04 -2.81 32.37
C THR B 308 8.87 -3.04 31.41
N TYR B 309 8.41 -1.99 30.73
CA TYR B 309 7.33 -2.14 29.77
C TYR B 309 7.80 -2.78 28.46
N ILE B 310 9.10 -2.67 28.13
CA ILE B 310 9.68 -3.35 26.96
C ILE B 310 9.65 -4.86 27.25
N LYS B 311 10.05 -5.24 28.47
CA LYS B 311 10.04 -6.61 28.95
C LYS B 311 8.60 -7.13 28.96
N GLU B 312 7.67 -6.29 29.42
CA GLU B 312 6.25 -6.61 29.49
C GLU B 312 5.66 -6.83 28.11
N LEU B 313 6.13 -6.10 27.09
CA LEU B 313 5.68 -6.31 25.72
C LEU B 313 6.11 -7.69 25.25
N GLY B 314 7.33 -8.07 25.57
CA GLY B 314 7.84 -9.38 25.22
C GLY B 314 7.07 -10.51 25.89
N LYS B 315 6.52 -10.25 27.08
CA LYS B 315 5.72 -11.25 27.78
C LYS B 315 4.46 -11.55 26.98
N ALA B 316 3.83 -10.49 26.43
CA ALA B 316 2.62 -10.57 25.61
C ALA B 316 2.89 -11.27 24.29
N ILE B 317 4.06 -11.04 23.70
CA ILE B 317 4.44 -11.70 22.46
C ILE B 317 4.62 -13.22 22.67
N VAL B 318 5.10 -13.61 23.85
CA VAL B 318 5.29 -15.00 24.19
C VAL B 318 3.95 -15.71 24.25
N LYS B 319 2.93 -15.08 24.89
CA LYS B 319 1.58 -15.62 25.02
C LYS B 319 0.87 -15.90 23.68
N ARG B 320 1.53 -15.59 22.54
CA ARG B 320 0.97 -15.79 21.22
C ARG B 320 1.39 -17.13 20.55
N GLU B 321 2.65 -17.25 20.07
CA GLU B 321 3.06 -18.46 19.33
C GLU B 321 3.91 -19.40 20.16
N GLY B 322 5.10 -18.95 20.54
CA GLY B 322 5.99 -19.79 21.33
C GLY B 322 7.26 -20.23 20.61
N ASN B 323 7.38 -19.94 19.29
CA ASN B 323 8.61 -20.31 18.58
C ASN B 323 9.59 -19.17 18.78
N SER B 324 10.80 -19.44 19.31
CA SER B 324 11.79 -18.40 19.62
C SER B 324 12.10 -17.44 18.48
N SER B 325 12.20 -17.94 17.25
CA SER B 325 12.48 -17.07 16.09
C SER B 325 11.27 -16.28 15.69
N GLN B 326 10.06 -16.90 15.79
CA GLN B 326 8.80 -16.24 15.49
C GLN B 326 8.59 -15.09 16.48
N ASN B 327 8.75 -15.38 17.78
CA ASN B 327 8.66 -14.45 18.91
C ASN B 327 9.64 -13.29 18.68
N TRP B 328 10.86 -13.61 18.22
CA TRP B 328 11.91 -12.65 17.97
C TRP B 328 11.57 -11.68 16.85
N GLN B 329 11.13 -12.21 15.70
CA GLN B 329 10.75 -11.36 14.58
C GLN B 329 9.50 -10.53 14.90
N ARG B 330 8.60 -11.08 15.74
CA ARG B 330 7.41 -10.38 16.20
C ARG B 330 7.81 -9.16 17.01
N PHE B 331 8.82 -9.30 17.87
CA PHE B 331 9.33 -8.20 18.65
C PHE B 331 9.91 -7.15 17.75
N TYR B 332 10.68 -7.57 16.73
CA TYR B 332 11.29 -6.68 15.76
C TYR B 332 10.23 -5.83 15.06
N GLN B 333 9.17 -6.49 14.55
CA GLN B 333 8.11 -5.84 13.85
C GLN B 333 7.31 -4.92 14.73
N LEU B 334 7.00 -5.33 15.97
CA LEU B 334 6.25 -4.48 16.89
C LEU B 334 7.09 -3.26 17.32
N THR B 335 8.40 -3.43 17.52
CA THR B 335 9.25 -2.29 17.87
C THR B 335 9.44 -1.35 16.67
N LYS B 336 9.49 -1.91 15.45
CA LYS B 336 9.53 -1.09 14.24
C LYS B 336 8.23 -0.25 14.14
N LEU B 337 7.10 -0.79 14.61
CA LEU B 337 5.82 -0.10 14.61
C LEU B 337 5.87 1.04 15.59
N LEU B 338 6.30 0.79 16.84
CA LEU B 338 6.46 1.84 17.84
C LEU B 338 7.39 2.96 17.32
N ASP B 339 8.40 2.58 16.53
CA ASP B 339 9.34 3.50 15.93
C ASP B 339 8.68 4.34 14.85
N SER B 340 8.00 3.70 13.89
CA SER B 340 7.31 4.41 12.82
C SER B 340 6.24 5.39 13.33
N MET B 341 5.79 5.21 14.59
CA MET B 341 4.82 6.11 15.21
C MET B 341 5.34 7.53 15.33
N HIS B 342 6.66 7.73 15.48
CA HIS B 342 7.22 9.08 15.52
C HIS B 342 6.95 9.82 14.19
N GLU B 343 6.96 9.09 13.07
CA GLU B 343 6.69 9.65 11.74
C GLU B 343 5.19 9.94 11.53
N VAL B 344 4.33 9.10 12.12
CA VAL B 344 2.88 9.25 12.06
C VAL B 344 2.46 10.45 12.91
N VAL B 345 3.10 10.66 14.07
CA VAL B 345 2.82 11.81 14.91
C VAL B 345 3.29 13.06 14.19
N GLU B 346 4.51 13.02 13.63
CA GLU B 346 5.16 14.09 12.86
C GLU B 346 4.23 14.67 11.79
N ASN B 347 3.48 13.81 11.10
CA ASN B 347 2.58 14.27 10.05
C ASN B 347 1.21 14.73 10.56
N LEU B 348 0.72 14.15 11.66
CA LEU B 348 -0.56 14.58 12.24
C LEU B 348 -0.40 15.93 12.99
N LEU B 349 0.80 16.20 13.54
CA LEU B 349 1.10 17.48 14.20
C LEU B 349 1.16 18.54 13.13
N ASN B 350 1.83 18.28 12.00
CA ASN B 350 1.90 19.24 10.91
C ASN B 350 0.55 19.81 10.47
N TYR B 351 -0.50 18.96 10.37
CA TYR B 351 -1.82 19.46 9.96
C TYR B 351 -2.58 20.10 11.12
N CYS B 352 -2.33 19.64 12.35
CA CYS B 352 -2.96 20.22 13.52
C CYS B 352 -2.44 21.66 13.76
N PHE B 353 -1.12 21.88 13.60
CA PHE B 353 -0.47 23.19 13.78
C PHE B 353 -0.86 24.16 12.67
N GLN B 354 -1.11 23.66 11.46
CA GLN B 354 -1.51 24.49 10.34
C GLN B 354 -2.95 24.99 10.49
N THR B 355 -3.83 24.16 11.07
CA THR B 355 -5.24 24.53 11.28
C THR B 355 -5.44 25.35 12.57
N PHE B 356 -4.49 25.28 13.51
CA PHE B 356 -4.54 26.03 14.77
C PHE B 356 -4.09 27.49 14.55
N LEU B 357 -2.96 27.66 13.83
CA LEU B 357 -2.38 28.96 13.52
C LEU B 357 -3.05 29.69 12.36
N ASP B 358 -4.00 29.05 11.66
CA ASP B 358 -4.68 29.69 10.54
C ASP B 358 -6.02 30.28 10.96
N LYS B 359 -6.12 31.62 10.97
CA LYS B 359 -7.33 32.39 11.31
C LYS B 359 -8.43 32.22 10.25
N THR B 360 -8.04 31.92 9.00
CA THR B 360 -8.92 31.70 7.85
C THR B 360 -9.74 30.39 8.04
N MET B 361 -9.16 29.38 8.73
CA MET B 361 -9.73 28.05 8.96
C MET B 361 -11.08 28.00 9.71
N SER B 362 -11.15 28.59 10.90
CA SER B 362 -12.33 28.60 11.78
C SER B 362 -12.60 27.26 12.49
N ILE B 363 -11.73 26.22 12.29
CA ILE B 363 -11.93 24.95 12.99
C ILE B 363 -11.64 25.20 14.47
N GLU B 364 -12.59 24.85 15.35
CA GLU B 364 -12.46 25.08 16.79
C GLU B 364 -11.80 23.95 17.55
N PHE B 365 -10.81 24.30 18.38
CA PHE B 365 -10.05 23.39 19.23
C PHE B 365 -10.51 23.63 20.66
N PRO B 366 -10.79 22.57 21.44
CA PRO B 366 -11.24 22.78 22.83
C PRO B 366 -10.14 23.34 23.73
N GLU B 367 -10.51 24.00 24.85
CA GLU B 367 -9.52 24.57 25.76
C GLU B 367 -8.47 23.55 26.25
N MET B 368 -8.88 22.28 26.38
CA MET B 368 -7.98 21.19 26.79
C MET B 368 -6.88 20.96 25.74
N LEU B 369 -7.25 20.83 24.45
CA LEU B 369 -6.28 20.61 23.39
C LEU B 369 -5.51 21.86 22.98
N ALA B 370 -6.16 23.02 22.96
CA ALA B 370 -5.52 24.27 22.59
C ALA B 370 -4.37 24.60 23.51
N GLU B 371 -4.52 24.30 24.81
CA GLU B 371 -3.49 24.55 25.82
C GLU B 371 -2.22 23.77 25.51
N ILE B 372 -2.36 22.50 25.06
CA ILE B 372 -1.22 21.66 24.72
C ILE B 372 -0.54 22.19 23.46
N ILE B 373 -1.33 22.48 22.41
CA ILE B 373 -0.83 22.98 21.13
C ILE B 373 -0.04 24.28 21.27
N THR B 374 -0.49 25.22 22.12
CA THR B 374 0.24 26.47 22.33
C THR B 374 1.63 26.21 22.95
N ASN B 375 1.69 25.25 23.87
CA ASN B 375 2.94 24.90 24.54
C ASN B 375 3.89 24.15 23.61
N GLN B 376 3.32 23.28 22.77
CA GLN B 376 4.06 22.39 21.86
C GLN B 376 4.70 23.03 20.63
N ILE B 377 3.99 23.89 19.87
CA ILE B 377 4.55 24.47 18.63
C ILE B 377 5.99 25.07 18.82
N PRO B 378 6.33 25.84 19.90
CA PRO B 378 7.71 26.34 20.04
C PRO B 378 8.74 25.26 20.45
N LYS B 379 8.29 24.07 20.86
CA LYS B 379 9.17 22.96 21.20
C LYS B 379 9.65 22.24 19.93
N TYR B 380 8.79 22.14 18.91
CA TYR B 380 9.17 21.55 17.63
C TYR B 380 10.02 22.53 16.81
N SER B 381 9.78 23.84 16.97
CA SER B 381 10.59 24.84 16.30
C SER B 381 12.00 24.95 16.92
N ASN B 382 12.15 24.57 18.21
CA ASN B 382 13.46 24.65 18.90
C ASN B 382 14.17 23.29 19.07
N GLY B 383 13.72 22.27 18.35
CA GLY B 383 14.31 20.94 18.39
C GLY B 383 14.37 20.30 19.77
N ASN B 384 13.66 20.86 20.75
CA ASN B 384 13.66 20.33 22.10
C ASN B 384 12.78 19.08 22.22
N ILE B 385 13.29 17.95 21.74
CA ILE B 385 12.70 16.63 21.76
C ILE B 385 13.78 15.62 21.35
N LYS B 386 13.81 14.49 22.05
CA LYS B 386 14.75 13.40 21.85
C LYS B 386 13.93 12.12 21.61
N LYS B 387 13.47 11.94 20.36
CA LYS B 387 12.66 10.80 19.98
C LYS B 387 13.42 9.48 20.16
N LEU B 388 12.90 8.60 21.02
CA LEU B 388 13.50 7.30 21.31
C LEU B 388 13.19 6.24 20.22
N LEU B 389 14.23 5.52 19.78
CA LEU B 389 14.06 4.53 18.72
C LEU B 389 14.76 3.21 18.99
N PHE B 390 13.97 2.11 18.99
CA PHE B 390 14.43 0.73 19.16
C PHE B 390 15.40 0.28 18.08
N HIS B 391 15.37 0.93 16.90
CA HIS B 391 16.23 0.57 15.78
C HIS B 391 17.01 1.75 15.24
N GLN B 392 18.34 1.56 15.07
CA GLN B 392 19.38 2.52 14.64
C GLN B 392 20.07 3.20 15.83
N GLU E 7 33.39 5.63 -24.06
CA GLU E 7 32.35 6.63 -24.30
C GLU E 7 31.60 6.33 -25.63
N PRO E 8 30.29 6.61 -25.71
CA PRO E 8 29.40 7.21 -24.69
C PRO E 8 28.86 6.17 -23.69
N SER E 9 27.74 6.47 -22.99
CA SER E 9 27.14 5.52 -22.04
C SER E 9 26.39 4.43 -22.81
N LEU E 10 26.26 3.22 -22.23
CA LEU E 10 25.51 2.12 -22.84
C LEU E 10 24.05 2.47 -23.13
N LEU E 11 23.50 3.44 -22.38
CA LEU E 11 22.15 3.97 -22.51
C LEU E 11 22.07 4.81 -23.79
N LYS E 12 23.10 5.62 -24.07
CA LYS E 12 23.17 6.44 -25.29
C LYS E 12 23.32 5.53 -26.49
N LYS E 13 24.21 4.53 -26.37
CA LYS E 13 24.47 3.52 -27.39
C LYS E 13 23.18 2.75 -27.72
N LEU E 14 22.43 2.35 -26.68
CA LEU E 14 21.19 1.61 -26.84
C LEU E 14 20.06 2.52 -27.36
N LEU E 15 20.08 3.81 -27.01
CA LEU E 15 19.05 4.73 -27.47
C LEU E 15 19.04 4.88 -28.99
N LEU E 16 20.18 5.35 -29.58
CA LEU E 16 20.23 5.45 -31.03
C LEU E 16 20.80 4.18 -31.60
N ALA E 17 19.93 3.18 -31.75
CA ALA E 17 20.31 1.89 -32.32
C ALA E 17 19.10 1.30 -33.08
N PRO E 18 18.63 1.96 -34.17
CA PRO E 18 17.50 1.42 -34.91
C PRO E 18 17.95 0.40 -35.96
ZN ZN F . -26.65 -10.10 -16.37
ZN ZN G . -11.36 -9.87 -13.79
C1 EDO H . -16.14 -21.30 -12.28
O1 EDO H . -16.39 -20.43 -11.19
C2 EDO H . -17.17 -21.09 -13.44
O2 EDO H . -16.72 -20.06 -14.30
C1 EDO I . -5.11 -7.42 -10.52
O1 EDO I . -5.08 -8.27 -11.63
C2 EDO I . -5.89 -8.11 -9.40
O2 EDO I . -5.31 -9.38 -9.13
C1 GW6 J . 15.78 -0.73 -2.20
C2 GW6 J . 16.64 -0.83 -3.44
C3 GW6 J . 15.72 -0.62 -4.69
C4 GW6 J . 15.88 -1.94 -5.44
C5 GW6 J . 15.36 -2.01 -6.88
C6 GW6 J . 13.85 -1.70 -6.89
C7 GW6 J . 13.24 -1.85 -8.28
F1 GW6 J . 11.91 -1.68 -8.20
C8 GW6 J . 13.55 -3.20 -8.88
C9 GW6 J . 12.57 -4.01 -9.31
C10 GW6 J . 12.87 -5.34 -9.89
O1 GW6 J . 12.00 -6.02 -10.41
C11 GW6 J . 14.25 -5.81 -9.82
C12 GW6 J . 15.23 -5.00 -9.40
C13 GW6 J . 15.04 -3.56 -8.95
C14 GW6 J . 15.72 -2.67 -9.97
C15 GW6 J . 15.65 -3.44 -7.48
F2 GW6 J . 14.91 -4.29 -6.72
C16 GW6 J . 17.11 -3.94 -7.27
O2 GW6 J . 17.99 -3.24 -8.11
C17 GW6 J . 17.58 -3.77 -5.81
C18 GW6 J . 17.37 -2.35 -5.24
C19 GW6 J . 18.32 -1.39 -5.92
C20 GW6 J . 17.37 -2.21 -3.67
O3 GW6 J . 16.62 -3.32 -3.09
C21 GW6 J . 16.80 -3.78 -1.79
O4 GW6 J . 17.46 -3.27 -0.87
C22 GW6 J . 16.06 -5.00 -1.65
C23 GW6 J . 15.00 -5.50 -2.37
C24 GW6 J . 14.68 -6.75 -1.80
C25 GW6 J . 15.58 -6.92 -0.76
O5 GW6 J . 16.43 -5.87 -0.66
C26 GW6 J . 18.80 -2.14 -3.16
O6 GW6 J . 19.28 -1.11 -2.71
S1 GW6 J . 19.74 -3.62 -3.24
C27 GW6 J . 21.32 -2.85 -3.64
F3 GW6 J . 21.11 -1.84 -4.54
C1 EDO K . 0.44 -7.45 -2.96
O1 EDO K . 1.64 -7.15 -2.25
C2 EDO K . -0.87 -6.83 -2.30
O2 EDO K . -2.05 -7.25 -3.00
ZN ZN L . -4.49 -27.14 -6.49
ZN ZN M . -8.06 -17.01 -17.69
C1 GW6 N . -4.31 15.65 11.49
C2 GW6 N . -4.97 16.10 12.77
C3 GW6 N . -4.74 15.06 13.89
C4 GW6 N . -6.15 14.74 14.37
C5 GW6 N . -6.32 14.03 15.73
C6 GW6 N . -5.60 12.66 15.68
C7 GW6 N . -5.75 11.89 16.99
F1 GW6 N . -5.13 10.70 16.88
C8 GW6 N . -7.21 11.75 17.37
C9 GW6 N . -7.75 10.55 17.62
C10 GW6 N . -9.18 10.39 18.02
O1 GW6 N . -9.65 9.32 18.37
C11 GW6 N . -10.01 11.60 18.00
C12 GW6 N . -9.47 12.80 17.74
C13 GW6 N . -8.01 13.07 17.47
C14 GW6 N . -7.47 13.88 18.63
C15 GW6 N . -7.85 13.84 16.09
F2 GW6 N . -8.33 13.00 15.13
C16 GW6 N . -8.73 15.12 15.87
O2 GW6 N . -8.66 16.06 16.92
C17 GW6 N . -8.43 15.80 14.51
C18 GW6 N . -6.93 16.07 14.20
C19 GW6 N . -6.44 17.16 15.15
C20 GW6 N . -6.53 16.35 12.71
O3 GW6 N . -7.20 15.38 11.86
C21 GW6 N . -7.55 15.69 10.55
O4 GW6 N . -6.94 16.41 9.77
C22 GW6 N . -8.74 14.99 10.16
C23 GW6 N . -9.49 14.03 10.81
C24 GW6 N . -10.54 13.71 9.93
C25 GW6 N . -10.36 14.49 8.80
O5 GW6 N . -9.27 15.27 8.95
C26 GW6 N . -6.82 17.80 12.34
O6 GW6 N . -5.92 18.61 12.10
S1 GW6 N . -8.50 18.30 12.27
C27 GW6 N . -8.24 20.08 12.11
F3 GW6 N . -8.46 20.61 13.35
#